data_5TRT
#
_entry.id   5TRT
#
_cell.length_a   63.490
_cell.length_b   119.350
_cell.length_c   135.900
_cell.angle_alpha   90.00
_cell.angle_beta   90.00
_cell.angle_gamma   90.00
#
_symmetry.space_group_name_H-M   'P 21 21 21'
#
loop_
_entity.id
_entity.type
_entity.pdbx_description
1 polymer 'Enoyl-[acyl-carrier-protein] reductase [NADH]'
2 non-polymer 1,2-ETHANEDIOL
3 non-polymer NICOTINAMIDE-ADENINE-DINUCLEOTIDE
4 water water
#
_entity_poly.entity_id   1
_entity_poly.type   'polypeptide(L)'
_entity_poly.pdbx_seq_one_letter_code
;MAHHHHHHMGFLDGKRILLTGLLSNRSIAYGIAKACKREGAELAFTYVGDRFKDRITEFAAEFGSELVFPCDVADDAQID
ALFASLKTHWDSLDGLVHSIGFAPREAIAGDFLDGLTRENFRIAHDISAYSFPALAKAALPMLSDDASLLTLSYLGAERA
IPNYNTMGLAKAALEASVRYLAVSLGAKGVRVNAISAGPIKTLAASGIKSFGKILDFVESNSPLKRNVTIEQVGNAGAFL
LSDLASGVTAEVMHVDSGFNAVVGGMAGLEE
;
_entity_poly.pdbx_strand_id   A,B,C,D
#
loop_
_chem_comp.id
_chem_comp.type
_chem_comp.name
_chem_comp.formula
EDO non-polymer 1,2-ETHANEDIOL 'C2 H6 O2'
NAD non-polymer NICOTINAMIDE-ADENINE-DINUCLEOTIDE 'C21 H27 N7 O14 P2'
#
# COMPACT_ATOMS: atom_id res chain seq x y z
N MET A 9 -8.39 -22.03 30.79
CA MET A 9 -7.05 -21.50 30.57
C MET A 9 -6.82 -21.14 29.10
N GLY A 10 -7.90 -20.98 28.34
CA GLY A 10 -7.79 -20.50 26.98
C GLY A 10 -7.35 -19.06 26.92
N PHE A 11 -6.92 -18.62 25.73
CA PHE A 11 -6.28 -17.30 25.70
C PHE A 11 -7.28 -16.15 25.65
N LEU A 12 -8.58 -16.42 25.76
CA LEU A 12 -9.60 -15.39 25.94
C LEU A 12 -10.37 -15.58 27.24
N ASP A 13 -9.74 -16.21 28.23
CA ASP A 13 -10.46 -16.59 29.44
C ASP A 13 -11.07 -15.38 30.14
N GLY A 14 -12.38 -15.42 30.37
CA GLY A 14 -13.09 -14.37 31.06
C GLY A 14 -13.48 -13.18 30.19
N LYS A 15 -13.00 -13.09 28.96
CA LYS A 15 -13.32 -11.95 28.12
C LYS A 15 -14.77 -12.01 27.67
N ARG A 16 -15.45 -10.86 27.75
CA ARG A 16 -16.86 -10.75 27.38
C ARG A 16 -16.96 -10.05 26.03
N ILE A 17 -17.52 -10.73 25.03
CA ILE A 17 -17.45 -10.34 23.62
C ILE A 17 -18.85 -10.34 23.04
N LEU A 18 -19.22 -9.24 22.37
CA LEU A 18 -20.48 -9.13 21.65
C LEU A 18 -20.22 -9.34 20.16
N LEU A 19 -20.99 -10.25 19.55
CA LEU A 19 -20.85 -10.56 18.13
C LEU A 19 -22.10 -10.17 17.37
N THR A 20 -21.92 -9.40 16.30
CA THR A 20 -22.96 -9.11 15.33
C THR A 20 -22.84 -10.05 14.14
N GLY A 21 -23.91 -10.10 13.34
CA GLY A 21 -23.82 -10.76 12.06
C GLY A 21 -23.92 -12.27 12.08
N LEU A 22 -24.33 -12.88 13.19
CA LEU A 22 -24.48 -14.34 13.21
C LEU A 22 -25.85 -14.70 12.63
N LEU A 23 -25.86 -15.23 11.41
CA LEU A 23 -27.09 -15.63 10.73
C LEU A 23 -27.24 -17.12 10.55
N SER A 24 -26.14 -17.87 10.49
CA SER A 24 -26.19 -19.31 10.29
C SER A 24 -24.86 -19.89 10.74
N ASN A 25 -24.75 -21.22 10.70
CA ASN A 25 -23.49 -21.86 11.04
C ASN A 25 -22.45 -21.75 9.91
N ARG A 26 -22.75 -20.98 8.87
CA ARG A 26 -21.79 -20.62 7.84
C ARG A 26 -21.28 -19.19 7.95
N SER A 27 -21.92 -18.35 8.78
CA SER A 27 -21.48 -16.97 8.94
C SER A 27 -20.05 -16.92 9.45
N ILE A 28 -19.30 -15.91 8.98
CA ILE A 28 -17.99 -15.65 9.56
C ILE A 28 -18.10 -15.46 11.06
N ALA A 29 -19.18 -14.79 11.50
CA ALA A 29 -19.37 -14.57 12.92
C ALA A 29 -19.48 -15.88 13.69
N TYR A 30 -20.04 -16.92 13.06
CA TYR A 30 -20.16 -18.22 13.71
C TYR A 30 -18.79 -18.84 13.93
N GLY A 31 -17.91 -18.74 12.93
CA GLY A 31 -16.55 -19.24 13.11
C GLY A 31 -15.79 -18.49 14.18
N ILE A 32 -15.93 -17.16 14.21
CA ILE A 32 -15.32 -16.37 15.27
C ILE A 32 -15.90 -16.76 16.63
N ALA A 33 -17.22 -16.89 16.71
CA ALA A 33 -17.85 -17.29 17.97
C ALA A 33 -17.30 -18.62 18.48
N LYS A 34 -17.15 -19.62 17.60
CA LYS A 34 -16.63 -20.91 18.02
C LYS A 34 -15.24 -20.79 18.62
N ALA A 35 -14.34 -20.07 17.93
CA ALA A 35 -12.97 -19.96 18.41
C ALA A 35 -12.92 -19.18 19.72
N CYS A 36 -13.71 -18.11 19.83
CA CYS A 36 -13.75 -17.34 21.07
C CYS A 36 -14.26 -18.19 22.22
N LYS A 37 -15.32 -18.97 21.99
CA LYS A 37 -15.85 -19.83 23.04
C LYS A 37 -14.85 -20.91 23.42
N ARG A 38 -14.20 -21.50 22.42
CA ARG A 38 -13.17 -22.50 22.67
C ARG A 38 -12.07 -21.94 23.59
N GLU A 39 -11.72 -20.66 23.40
CA GLU A 39 -10.63 -20.05 24.15
C GLU A 39 -11.09 -19.36 25.43
N GLY A 40 -12.33 -19.59 25.86
CA GLY A 40 -12.75 -19.22 27.20
C GLY A 40 -13.61 -17.98 27.31
N ALA A 41 -14.01 -17.40 26.19
CA ALA A 41 -14.77 -16.15 26.26
C ALA A 41 -16.22 -16.42 26.67
N GLU A 42 -16.85 -15.38 27.22
CA GLU A 42 -18.30 -15.33 27.43
C GLU A 42 -18.89 -14.48 26.30
N LEU A 43 -19.97 -14.97 25.68
CA LEU A 43 -20.46 -14.38 24.44
C LEU A 43 -21.87 -13.82 24.58
N ALA A 44 -22.14 -12.79 23.77
CA ALA A 44 -23.44 -12.17 23.60
C ALA A 44 -23.60 -11.88 22.11
N PHE A 45 -24.85 -11.69 21.65
CA PHE A 45 -25.12 -11.64 20.22
C PHE A 45 -26.19 -10.61 19.90
N THR A 46 -26.11 -10.04 18.70
CA THR A 46 -27.18 -9.19 18.20
C THR A 46 -27.94 -9.88 17.07
N TYR A 47 -29.14 -9.39 16.80
CA TYR A 47 -29.95 -9.92 15.70
C TYR A 47 -30.76 -8.77 15.07
N VAL A 48 -31.30 -9.03 13.89
CA VAL A 48 -32.07 -8.04 13.14
C VAL A 48 -33.50 -8.53 13.03
N GLY A 49 -34.43 -7.81 13.67
CA GLY A 49 -35.84 -8.10 13.53
C GLY A 49 -36.31 -9.14 14.53
N ASP A 50 -37.52 -8.97 15.06
CA ASP A 50 -38.05 -9.94 16.02
C ASP A 50 -38.22 -11.32 15.40
N ARG A 51 -38.38 -11.39 14.07
CA ARG A 51 -38.53 -12.68 13.40
C ARG A 51 -37.31 -13.58 13.56
N PHE A 52 -36.15 -13.02 13.91
CA PHE A 52 -34.95 -13.83 14.11
C PHE A 52 -34.60 -14.05 15.59
N LYS A 53 -35.43 -13.56 16.52
CA LYS A 53 -35.09 -13.66 17.94
C LYS A 53 -34.94 -15.12 18.37
N ASP A 54 -35.92 -15.97 18.00
CA ASP A 54 -35.85 -17.37 18.42
C ASP A 54 -34.60 -18.05 17.86
N ARG A 55 -34.25 -17.78 16.60
CA ARG A 55 -33.10 -18.45 16.00
C ARG A 55 -31.78 -17.98 16.62
N ILE A 56 -31.60 -16.67 16.81
CA ILE A 56 -30.37 -16.22 17.48
C ILE A 56 -30.33 -16.73 18.91
N THR A 57 -31.48 -16.88 19.55
CA THR A 57 -31.50 -17.42 20.91
C THR A 57 -30.99 -18.86 20.91
N GLU A 58 -31.33 -19.63 19.87
CA GLU A 58 -30.84 -21.01 19.77
C GLU A 58 -29.33 -21.04 19.57
N PHE A 59 -28.81 -20.16 18.70
CA PHE A 59 -27.36 -20.06 18.53
C PHE A 59 -26.68 -19.68 19.84
N ALA A 60 -27.22 -18.68 20.53
CA ALA A 60 -26.61 -18.26 21.79
C ALA A 60 -26.53 -19.42 22.76
N ALA A 61 -27.59 -20.22 22.84
CA ALA A 61 -27.60 -21.37 23.74
C ALA A 61 -26.52 -22.36 23.36
N GLU A 62 -26.27 -22.52 22.06
CA GLU A 62 -25.19 -23.38 21.61
C GLU A 62 -23.85 -22.96 22.20
N PHE A 63 -23.67 -21.66 22.46
CA PHE A 63 -22.44 -21.12 23.01
C PHE A 63 -22.56 -20.81 24.50
N GLY A 64 -23.52 -21.44 25.18
CA GLY A 64 -23.67 -21.24 26.62
C GLY A 64 -24.15 -19.88 27.02
N SER A 65 -24.83 -19.16 26.15
CA SER A 65 -25.22 -17.78 26.40
C SER A 65 -26.73 -17.60 26.29
N GLU A 66 -27.27 -16.68 27.11
CA GLU A 66 -28.66 -16.28 27.04
C GLU A 66 -28.82 -14.81 26.62
N LEU A 67 -27.73 -14.17 26.18
CA LEU A 67 -27.69 -12.72 26.00
C LEU A 67 -27.80 -12.39 24.52
N VAL A 68 -29.00 -12.00 24.08
CA VAL A 68 -29.25 -11.60 22.70
C VAL A 68 -29.98 -10.26 22.71
N PHE A 69 -29.67 -9.42 21.73
CA PHE A 69 -30.17 -8.06 21.68
C PHE A 69 -30.47 -7.66 20.25
N PRO A 70 -31.59 -6.98 19.99
CA PRO A 70 -31.85 -6.48 18.63
C PRO A 70 -30.92 -5.33 18.28
N CYS A 71 -30.40 -5.36 17.05
CA CYS A 71 -29.61 -4.21 16.60
C CYS A 71 -29.60 -4.20 15.07
N ASP A 72 -30.61 -3.55 14.50
CA ASP A 72 -30.60 -3.13 13.11
C ASP A 72 -29.79 -1.86 13.03
N VAL A 73 -28.60 -1.91 12.42
CA VAL A 73 -27.68 -0.78 12.46
C VAL A 73 -28.15 0.36 11.57
N ALA A 74 -29.28 0.17 10.87
CA ALA A 74 -29.88 1.29 10.12
C ALA A 74 -30.63 2.26 11.03
N ASP A 75 -30.86 1.90 12.28
CA ASP A 75 -31.77 2.61 13.19
C ASP A 75 -30.98 3.12 14.39
N ASP A 76 -30.89 4.45 14.53
CA ASP A 76 -30.21 5.03 15.69
C ASP A 76 -30.80 4.52 17.00
N ALA A 77 -32.12 4.32 17.03
CA ALA A 77 -32.78 3.92 18.28
C ALA A 77 -32.27 2.57 18.77
N GLN A 78 -31.90 1.67 17.85
CA GLN A 78 -31.40 0.36 18.27
C GLN A 78 -29.93 0.41 18.63
N ILE A 79 -29.13 1.21 17.92
CA ILE A 79 -27.74 1.39 18.30
C ILE A 79 -27.65 2.05 19.67
N ASP A 80 -28.49 3.08 19.91
CA ASP A 80 -28.44 3.85 21.14
C ASP A 80 -29.02 3.12 22.33
N ALA A 81 -29.75 2.02 22.11
CA ALA A 81 -30.30 1.20 23.18
C ALA A 81 -29.47 -0.05 23.45
N LEU A 82 -28.68 -0.49 22.47
CA LEU A 82 -27.97 -1.76 22.56
C LEU A 82 -27.09 -1.83 23.81
N PHE A 83 -26.23 -0.84 24.01
CA PHE A 83 -25.29 -0.96 25.12
C PHE A 83 -25.90 -0.57 26.45
N ALA A 84 -26.95 0.27 26.45
CA ALA A 84 -27.71 0.48 27.67
C ALA A 84 -28.34 -0.83 28.13
N SER A 85 -28.79 -1.66 27.19
CA SER A 85 -29.36 -2.95 27.56
CA SER A 85 -29.36 -2.96 27.55
C SER A 85 -28.27 -3.92 28.01
N LEU A 86 -27.18 -4.00 27.26
CA LEU A 86 -26.07 -4.88 27.62
C LEU A 86 -25.53 -4.56 29.00
N LYS A 87 -25.52 -3.28 29.37
CA LYS A 87 -24.97 -2.84 30.65
C LYS A 87 -25.75 -3.39 31.84
N THR A 88 -27.02 -3.78 31.66
CA THR A 88 -27.71 -4.41 32.79
C THR A 88 -27.25 -5.86 33.01
N HIS A 89 -26.45 -6.42 32.12
CA HIS A 89 -25.90 -7.75 32.28
C HIS A 89 -24.40 -7.78 32.53
N TRP A 90 -23.65 -6.89 31.88
CA TRP A 90 -22.19 -6.84 31.93
C TRP A 90 -21.75 -5.46 32.38
N ASP A 91 -20.89 -5.39 33.40
CA ASP A 91 -20.34 -4.09 33.80
C ASP A 91 -19.51 -3.48 32.67
N SER A 92 -18.76 -4.29 31.94
CA SER A 92 -17.91 -3.75 30.89
C SER A 92 -17.86 -4.74 29.73
N LEU A 93 -17.45 -4.24 28.56
CA LEU A 93 -17.35 -5.03 27.34
C LEU A 93 -15.90 -5.09 26.91
N ASP A 94 -15.41 -6.31 26.62
CA ASP A 94 -14.02 -6.51 26.24
C ASP A 94 -13.80 -6.68 24.75
N GLY A 95 -14.81 -7.10 24.01
CA GLY A 95 -14.61 -7.33 22.58
C GLY A 95 -15.88 -7.05 21.81
N LEU A 96 -15.72 -6.57 20.59
CA LEU A 96 -16.84 -6.30 19.71
C LEU A 96 -16.50 -6.81 18.32
N VAL A 97 -17.36 -7.65 17.74
CA VAL A 97 -17.14 -8.18 16.41
C VAL A 97 -18.19 -7.59 15.49
N HIS A 98 -17.75 -6.77 14.53
CA HIS A 98 -18.61 -6.15 13.53
C HIS A 98 -18.51 -7.00 12.27
N SER A 99 -19.55 -7.77 11.98
CA SER A 99 -19.56 -8.68 10.85
C SER A 99 -20.83 -8.44 10.05
N ILE A 100 -20.92 -7.22 9.52
CA ILE A 100 -22.16 -6.68 8.96
C ILE A 100 -21.81 -6.01 7.65
N GLY A 101 -22.63 -6.25 6.63
CA GLY A 101 -22.46 -5.54 5.38
C GLY A 101 -23.65 -5.73 4.48
N PHE A 102 -23.95 -4.70 3.67
CA PHE A 102 -25.08 -4.81 2.76
C PHE A 102 -24.94 -3.76 1.67
N ALA A 103 -25.28 -4.13 0.44
CA ALA A 103 -25.57 -3.19 -0.63
C ALA A 103 -26.69 -3.77 -1.48
N PRO A 104 -27.53 -2.93 -2.09
CA PRO A 104 -28.56 -3.43 -3.01
C PRO A 104 -27.94 -4.27 -4.13
N ARG A 105 -28.70 -5.27 -4.57
CA ARG A 105 -28.18 -6.26 -5.51
C ARG A 105 -27.57 -5.63 -6.77
N GLU A 106 -28.23 -4.64 -7.35
CA GLU A 106 -27.73 -4.08 -8.60
CA GLU A 106 -27.73 -4.07 -8.61
C GLU A 106 -26.43 -3.31 -8.42
N ALA A 107 -26.10 -2.91 -7.18
CA ALA A 107 -24.88 -2.17 -6.89
C ALA A 107 -23.67 -3.07 -6.75
N ILE A 108 -23.85 -4.39 -6.70
CA ILE A 108 -22.74 -5.33 -6.61
C ILE A 108 -22.83 -6.37 -7.72
N ALA A 109 -23.25 -5.92 -8.90
CA ALA A 109 -23.30 -6.82 -10.06
C ALA A 109 -23.00 -6.00 -11.32
N GLY A 110 -22.29 -6.64 -12.25
CA GLY A 110 -22.12 -6.06 -13.57
C GLY A 110 -21.29 -4.79 -13.56
N ASP A 111 -21.74 -3.80 -14.34
CA ASP A 111 -20.99 -2.57 -14.50
C ASP A 111 -21.17 -1.66 -13.29
N PHE A 112 -20.05 -1.02 -12.87
CA PHE A 112 -20.09 -0.19 -11.67
C PHE A 112 -21.02 1.01 -11.83
N LEU A 113 -20.99 1.67 -12.99
CA LEU A 113 -21.85 2.84 -13.19
C LEU A 113 -23.31 2.45 -13.46
N ASP A 114 -23.56 1.36 -14.20
CA ASP A 114 -24.95 0.98 -14.43
C ASP A 114 -25.68 0.77 -13.12
N GLY A 115 -25.00 0.22 -12.13
CA GLY A 115 -25.60 -0.09 -10.85
C GLY A 115 -25.48 1.02 -9.83
N LEU A 116 -24.96 2.18 -10.22
CA LEU A 116 -24.73 3.27 -9.28
C LEU A 116 -25.96 4.16 -9.19
N THR A 117 -26.48 4.35 -7.98
CA THR A 117 -27.43 5.43 -7.70
C THR A 117 -27.04 6.04 -6.36
N ARG A 118 -27.56 7.25 -6.09
CA ARG A 118 -27.26 7.88 -4.80
C ARG A 118 -27.76 7.04 -3.63
N GLU A 119 -28.96 6.48 -3.77
CA GLU A 119 -29.51 5.67 -2.67
C GLU A 119 -28.74 4.36 -2.51
N ASN A 120 -28.31 3.75 -3.63
CA ASN A 120 -27.50 2.54 -3.52
C ASN A 120 -26.20 2.82 -2.79
N PHE A 121 -25.52 3.90 -3.18
CA PHE A 121 -24.32 4.35 -2.49
C PHE A 121 -24.59 4.62 -1.01
N ARG A 122 -25.66 5.36 -0.71
CA ARG A 122 -25.94 5.75 0.67
C ARG A 122 -26.11 4.52 1.55
N ILE A 123 -26.93 3.58 1.07
CA ILE A 123 -27.25 2.39 1.86
C ILE A 123 -25.99 1.57 2.11
N ALA A 124 -25.22 1.34 1.05
CA ALA A 124 -24.01 0.52 1.18
C ALA A 124 -23.06 1.11 2.21
N HIS A 125 -22.85 2.43 2.16
CA HIS A 125 -21.92 3.03 3.10
C HIS A 125 -22.51 3.13 4.50
N ASP A 126 -23.82 3.36 4.59
CA ASP A 126 -24.49 3.43 5.89
C ASP A 126 -24.38 2.12 6.65
N ILE A 127 -24.75 1.01 6.01
CA ILE A 127 -24.75 -0.29 6.70
C ILE A 127 -23.35 -0.86 6.82
N SER A 128 -22.53 -0.74 5.77
CA SER A 128 -21.27 -1.48 5.70
C SER A 128 -20.09 -0.72 6.30
N ALA A 129 -20.14 0.61 6.35
CA ALA A 129 -19.03 1.38 6.92
C ALA A 129 -19.44 2.16 8.16
N TYR A 130 -20.43 3.06 8.06
CA TYR A 130 -20.78 3.91 9.21
C TYR A 130 -21.05 3.09 10.46
N SER A 131 -21.67 1.92 10.31
CA SER A 131 -22.15 1.16 11.47
C SER A 131 -21.03 0.72 12.40
N PHE A 132 -19.80 0.54 11.88
CA PHE A 132 -18.71 0.10 12.76
C PHE A 132 -18.31 1.20 13.75
N PRO A 133 -17.85 2.38 13.31
CA PRO A 133 -17.55 3.41 14.32
C PRO A 133 -18.79 3.86 15.08
N ALA A 134 -19.99 3.76 14.49
CA ALA A 134 -21.19 4.10 15.24
C ALA A 134 -21.38 3.18 16.44
N LEU A 135 -21.17 1.88 16.25
CA LEU A 135 -21.27 0.96 17.38
C LEU A 135 -20.16 1.21 18.39
N ALA A 136 -18.95 1.48 17.90
CA ALA A 136 -17.84 1.78 18.80
C ALA A 136 -18.14 2.97 19.69
N LYS A 137 -18.73 4.03 19.11
CA LYS A 137 -19.06 5.22 19.90
C LYS A 137 -20.13 4.92 20.94
N ALA A 138 -21.15 4.13 20.57
CA ALA A 138 -22.23 3.82 21.51
C ALA A 138 -21.74 2.92 22.63
N ALA A 139 -20.72 2.11 22.36
CA ALA A 139 -20.19 1.19 23.35
C ALA A 139 -19.18 1.85 24.28
N LEU A 140 -18.56 2.97 23.84
CA LEU A 140 -17.40 3.50 24.54
C LEU A 140 -17.58 3.60 26.06
N PRO A 141 -18.71 4.11 26.59
CA PRO A 141 -18.81 4.27 28.05
C PRO A 141 -18.68 2.98 28.85
N MET A 142 -18.91 1.81 28.25
CA MET A 142 -18.73 0.55 28.98
C MET A 142 -17.60 -0.31 28.41
N LEU A 143 -16.80 0.20 27.49
CA LEU A 143 -15.65 -0.57 27.03
C LEU A 143 -14.59 -0.69 28.12
N SER A 144 -14.03 -1.88 28.28
CA SER A 144 -12.87 -2.04 29.14
CA SER A 144 -12.86 -2.07 29.12
C SER A 144 -11.70 -1.25 28.57
N ASP A 145 -10.77 -0.89 29.44
CA ASP A 145 -9.61 -0.13 28.98
C ASP A 145 -8.79 -0.88 27.95
N ASP A 146 -8.77 -2.21 28.02
CA ASP A 146 -8.02 -3.00 27.04
C ASP A 146 -8.93 -3.75 26.08
N ALA A 147 -10.08 -3.16 25.75
CA ALA A 147 -11.03 -3.80 24.85
C ALA A 147 -10.45 -3.89 23.43
N SER A 148 -11.04 -4.76 22.62
CA SER A 148 -10.60 -4.99 21.24
C SER A 148 -11.81 -5.03 20.32
N LEU A 149 -11.81 -4.19 19.29
CA LEU A 149 -12.91 -4.10 18.33
C LEU A 149 -12.43 -4.64 17.00
N LEU A 150 -13.25 -5.47 16.37
CA LEU A 150 -12.85 -6.18 15.16
C LEU A 150 -13.92 -6.03 14.08
N THR A 151 -13.51 -5.70 12.86
CA THR A 151 -14.43 -5.69 11.72
C THR A 151 -13.85 -6.55 10.61
N LEU A 152 -14.67 -6.78 9.58
CA LEU A 152 -14.38 -7.69 8.49
C LEU A 152 -14.42 -6.93 7.17
N SER A 153 -13.37 -7.07 6.37
CA SER A 153 -13.30 -6.38 5.08
C SER A 153 -12.94 -7.37 3.98
N TYR A 154 -12.64 -6.87 2.78
CA TYR A 154 -12.36 -7.72 1.63
C TYR A 154 -11.45 -6.96 0.67
N LEU A 155 -10.63 -7.72 -0.06
CA LEU A 155 -9.63 -7.15 -0.98
C LEU A 155 -10.23 -6.13 -1.96
N GLY A 156 -11.53 -6.23 -2.26
CA GLY A 156 -12.13 -5.25 -3.18
C GLY A 156 -12.04 -3.82 -2.71
N ALA A 157 -11.71 -3.59 -1.45
CA ALA A 157 -11.41 -2.24 -0.98
C ALA A 157 -10.10 -1.73 -1.58
N GLU A 158 -9.15 -2.61 -1.82
CA GLU A 158 -7.79 -2.25 -2.20
C GLU A 158 -7.60 -2.19 -3.71
N ARG A 159 -8.20 -3.14 -4.43
CA ARG A 159 -8.08 -3.22 -5.89
C ARG A 159 -9.44 -3.54 -6.48
N ALA A 160 -9.65 -3.18 -7.75
CA ALA A 160 -10.96 -3.40 -8.35
C ALA A 160 -11.18 -4.88 -8.65
N ILE A 161 -12.25 -5.44 -8.12
CA ILE A 161 -12.63 -6.84 -8.30
C ILE A 161 -13.96 -6.88 -9.04
N PRO A 162 -14.13 -7.76 -10.05
CA PRO A 162 -15.40 -7.78 -10.79
C PRO A 162 -16.59 -7.96 -9.88
N ASN A 163 -17.65 -7.19 -10.19
CA ASN A 163 -18.94 -7.19 -9.52
C ASN A 163 -18.93 -6.53 -8.14
N TYR A 164 -17.76 -6.35 -7.51
CA TYR A 164 -17.78 -5.90 -6.12
C TYR A 164 -18.21 -4.43 -6.03
N ASN A 165 -17.79 -3.63 -7.00
CA ASN A 165 -18.34 -2.30 -7.30
C ASN A 165 -18.57 -1.43 -6.06
N THR A 166 -19.83 -1.09 -5.76
CA THR A 166 -20.10 -0.12 -4.71
C THR A 166 -19.64 -0.62 -3.34
N MET A 167 -19.66 -1.94 -3.11
CA MET A 167 -19.16 -2.44 -1.84
CA MET A 167 -19.16 -2.45 -1.84
C MET A 167 -17.67 -2.18 -1.70
N GLY A 168 -16.94 -2.08 -2.81
CA GLY A 168 -15.52 -1.77 -2.72
C GLY A 168 -15.29 -0.39 -2.14
N LEU A 169 -16.13 0.58 -2.52
CA LEU A 169 -16.04 1.92 -1.95
C LEU A 169 -16.33 1.89 -0.46
N ALA A 170 -17.36 1.14 -0.06
CA ALA A 170 -17.77 1.12 1.33
C ALA A 170 -16.73 0.42 2.20
N LYS A 171 -16.10 -0.64 1.68
CA LYS A 171 -15.06 -1.32 2.45
C LYS A 171 -13.81 -0.47 2.60
N ALA A 172 -13.47 0.36 1.58
CA ALA A 172 -12.34 1.26 1.74
C ALA A 172 -12.61 2.27 2.85
N ALA A 173 -13.85 2.78 2.91
CA ALA A 173 -14.23 3.68 3.99
C ALA A 173 -14.15 2.96 5.33
N LEU A 174 -14.66 1.72 5.38
CA LEU A 174 -14.56 0.90 6.59
C LEU A 174 -13.11 0.76 7.06
N GLU A 175 -12.20 0.39 6.15
CA GLU A 175 -10.81 0.22 6.55
C GLU A 175 -10.21 1.53 7.04
N ALA A 176 -10.55 2.67 6.41
CA ALA A 176 -10.11 3.94 6.97
C ALA A 176 -10.68 4.16 8.36
N SER A 177 -11.94 3.75 8.61
CA SER A 177 -12.50 3.96 9.95
C SER A 177 -11.73 3.18 11.01
N VAL A 178 -11.13 2.05 10.63
CA VAL A 178 -10.28 1.30 11.56
C VAL A 178 -9.13 2.16 12.05
N ARG A 179 -8.51 2.92 11.14
CA ARG A 179 -7.38 3.76 11.51
C ARG A 179 -7.82 4.93 12.39
N TYR A 180 -8.89 5.63 12.01
CA TYR A 180 -9.34 6.77 12.81
C TYR A 180 -9.89 6.33 14.16
N LEU A 181 -10.57 5.18 14.20
CA LEU A 181 -11.01 4.64 15.49
C LEU A 181 -9.84 4.29 16.38
N ALA A 182 -8.80 3.65 15.81
CA ALA A 182 -7.65 3.26 16.61
C ALA A 182 -7.01 4.47 17.29
N VAL A 183 -6.96 5.62 16.60
CA VAL A 183 -6.41 6.85 17.19
C VAL A 183 -7.35 7.38 18.28
N SER A 184 -8.64 7.44 17.97
CA SER A 184 -9.61 8.00 18.90
C SER A 184 -9.65 7.22 20.22
N LEU A 185 -9.61 5.89 20.13
CA LEU A 185 -9.80 5.02 21.30
C LEU A 185 -8.50 4.53 21.91
N GLY A 186 -7.36 4.76 21.26
CA GLY A 186 -6.13 4.09 21.68
C GLY A 186 -5.52 4.61 22.97
N ALA A 187 -5.69 5.90 23.26
CA ALA A 187 -5.11 6.44 24.49
C ALA A 187 -5.70 5.74 25.71
N LYS A 188 -7.00 5.41 25.65
CA LYS A 188 -7.64 4.65 26.72
C LYS A 188 -7.07 3.24 26.81
N GLY A 189 -6.57 2.72 25.69
CA GLY A 189 -6.03 1.36 25.62
C GLY A 189 -6.77 0.45 24.66
N VAL A 190 -7.83 0.92 24.02
CA VAL A 190 -8.68 0.09 23.17
C VAL A 190 -8.00 -0.11 21.82
N ARG A 191 -8.01 -1.34 21.31
CA ARG A 191 -7.46 -1.66 19.99
C ARG A 191 -8.58 -1.89 18.99
N VAL A 192 -8.28 -1.61 17.72
CA VAL A 192 -9.26 -1.65 16.64
C VAL A 192 -8.55 -2.21 15.41
N ASN A 193 -9.10 -3.27 14.83
CA ASN A 193 -8.47 -3.92 13.69
C ASN A 193 -9.55 -4.46 12.76
N ALA A 194 -9.13 -4.83 11.54
CA ALA A 194 -9.98 -5.53 10.59
C ALA A 194 -9.27 -6.77 10.12
N ILE A 195 -10.05 -7.79 9.74
CA ILE A 195 -9.55 -8.92 8.97
C ILE A 195 -10.07 -8.76 7.55
N SER A 196 -9.16 -8.73 6.58
CA SER A 196 -9.52 -8.77 5.16
C SER A 196 -9.59 -10.24 4.79
N ALA A 197 -10.79 -10.80 4.76
CA ALA A 197 -10.93 -12.25 4.58
C ALA A 197 -11.06 -12.59 3.11
N GLY A 198 -10.55 -13.77 2.76
CA GLY A 198 -10.80 -14.31 1.44
C GLY A 198 -12.21 -14.83 1.33
N PRO A 199 -12.63 -15.19 0.11
CA PRO A 199 -13.96 -15.79 -0.06
C PRO A 199 -14.07 -17.13 0.64
N ILE A 200 -15.27 -17.42 1.14
CA ILE A 200 -15.55 -18.63 1.92
C ILE A 200 -16.46 -19.53 1.11
N LYS A 201 -16.07 -20.79 0.97
CA LYS A 201 -16.90 -21.75 0.26
C LYS A 201 -18.02 -22.24 1.18
N THR A 202 -19.27 -21.93 0.82
CA THR A 202 -20.45 -22.52 1.45
C THR A 202 -21.37 -23.05 0.35
N LEU A 203 -22.39 -23.80 0.77
CA LEU A 203 -23.32 -24.41 -0.18
C LEU A 203 -24.03 -23.34 -1.01
N ALA A 204 -24.60 -22.33 -0.33
CA ALA A 204 -25.32 -21.28 -1.05
C ALA A 204 -24.38 -20.40 -1.84
N ALA A 205 -23.22 -20.05 -1.27
CA ALA A 205 -22.28 -19.17 -1.96
C ALA A 205 -21.75 -19.82 -3.24
N SER A 206 -21.45 -21.13 -3.19
CA SER A 206 -20.98 -21.82 -4.39
C SER A 206 -22.04 -21.83 -5.47
N GLY A 207 -23.33 -21.80 -5.07
CA GLY A 207 -24.39 -21.71 -6.05
C GLY A 207 -24.38 -20.40 -6.82
N ILE A 208 -23.85 -19.33 -6.23
CA ILE A 208 -23.70 -18.06 -6.92
C ILE A 208 -22.56 -18.19 -7.93
N LYS A 209 -22.90 -18.19 -9.21
CA LYS A 209 -21.97 -18.64 -10.25
C LYS A 209 -20.74 -17.76 -10.31
N SER A 210 -20.91 -16.44 -10.32
CA SER A 210 -19.77 -15.54 -10.37
C SER A 210 -18.90 -15.65 -9.11
N PHE A 211 -19.51 -15.92 -7.95
CA PHE A 211 -18.74 -16.12 -6.73
C PHE A 211 -17.94 -17.42 -6.79
N GLY A 212 -18.55 -18.48 -7.32
CA GLY A 212 -17.83 -19.72 -7.52
C GLY A 212 -16.62 -19.58 -8.43
N LYS A 213 -16.70 -18.69 -9.43
CA LYS A 213 -15.53 -18.47 -10.28
C LYS A 213 -14.40 -17.79 -9.50
N ILE A 214 -14.73 -16.93 -8.54
CA ILE A 214 -13.70 -16.35 -7.69
C ILE A 214 -13.07 -17.43 -6.82
N LEU A 215 -13.90 -18.26 -6.18
CA LEU A 215 -13.39 -19.36 -5.37
C LEU A 215 -12.42 -20.23 -6.17
N ASP A 216 -12.80 -20.63 -7.38
CA ASP A 216 -11.94 -21.46 -8.21
C ASP A 216 -10.63 -20.75 -8.53
N PHE A 217 -10.71 -19.44 -8.82
CA PHE A 217 -9.52 -18.66 -9.16
C PHE A 217 -8.58 -18.55 -7.96
N VAL A 218 -9.14 -18.25 -6.78
CA VAL A 218 -8.32 -18.17 -5.58
C VAL A 218 -7.70 -19.52 -5.27
N GLU A 219 -8.47 -20.60 -5.45
CA GLU A 219 -7.92 -21.92 -5.23
C GLU A 219 -6.74 -22.19 -6.16
N SER A 220 -6.82 -21.73 -7.40
CA SER A 220 -5.76 -22.04 -8.36
C SER A 220 -4.57 -21.09 -8.24
N ASN A 221 -4.79 -19.87 -7.74
CA ASN A 221 -3.75 -18.85 -7.82
C ASN A 221 -3.24 -18.34 -6.49
N SER A 222 -3.93 -18.59 -5.38
CA SER A 222 -3.41 -18.12 -4.10
C SER A 222 -2.13 -18.89 -3.75
N PRO A 223 -1.21 -18.27 -3.02
CA PRO A 223 0.02 -18.99 -2.64
C PRO A 223 -0.23 -20.37 -2.00
N LEU A 224 -1.18 -20.47 -1.09
CA LEU A 224 -1.49 -21.77 -0.46
C LEU A 224 -2.41 -22.65 -1.31
N LYS A 225 -2.84 -22.17 -2.48
CA LYS A 225 -3.62 -22.98 -3.43
C LYS A 225 -4.87 -23.56 -2.78
N ARG A 226 -5.55 -22.76 -1.96
CA ARG A 226 -6.71 -23.23 -1.23
C ARG A 226 -7.48 -22.02 -0.73
N ASN A 227 -8.79 -22.17 -0.57
CA ASN A 227 -9.60 -21.11 -0.01
C ASN A 227 -9.61 -21.19 1.52
N VAL A 228 -9.78 -20.04 2.18
CA VAL A 228 -9.82 -20.01 3.63
C VAL A 228 -11.18 -20.51 4.13
N THR A 229 -11.21 -20.91 5.40
CA THR A 229 -12.40 -21.44 6.05
C THR A 229 -12.83 -20.50 7.18
N ILE A 230 -14.05 -20.68 7.67
CA ILE A 230 -14.45 -19.84 8.80
C ILE A 230 -13.67 -20.20 10.05
N GLU A 231 -13.09 -21.40 10.13
CA GLU A 231 -12.25 -21.71 11.28
C GLU A 231 -10.94 -20.94 11.22
N GLN A 232 -10.41 -20.73 10.02
CA GLN A 232 -9.16 -19.98 9.91
C GLN A 232 -9.38 -18.50 10.16
N VAL A 233 -10.46 -17.94 9.61
CA VAL A 233 -10.80 -16.55 9.93
C VAL A 233 -11.18 -16.43 11.40
N GLY A 234 -11.92 -17.41 11.93
CA GLY A 234 -12.30 -17.36 13.33
C GLY A 234 -11.10 -17.35 14.27
N ASN A 235 -10.10 -18.18 13.97
CA ASN A 235 -8.90 -18.23 14.81
C ASN A 235 -8.13 -16.92 14.73
N ALA A 236 -8.01 -16.35 13.53
CA ALA A 236 -7.35 -15.05 13.42
C ALA A 236 -8.12 -13.99 14.19
N GLY A 237 -9.45 -14.05 14.13
CA GLY A 237 -10.26 -13.09 14.87
C GLY A 237 -10.10 -13.23 16.37
N ALA A 238 -10.12 -14.47 16.87
CA ALA A 238 -9.92 -14.69 18.29
C ALA A 238 -8.56 -14.15 18.73
N PHE A 239 -7.53 -14.33 17.91
CA PHE A 239 -6.21 -13.79 18.23
C PHE A 239 -6.29 -12.27 18.38
N LEU A 240 -6.87 -11.58 17.40
CA LEU A 240 -6.91 -10.12 17.45
C LEU A 240 -7.76 -9.63 18.62
N LEU A 241 -8.76 -10.40 19.03
CA LEU A 241 -9.59 -10.00 20.16
C LEU A 241 -8.88 -10.21 21.49
N SER A 242 -7.75 -10.91 21.53
CA SER A 242 -7.12 -11.36 22.75
C SER A 242 -5.92 -10.50 23.13
N ASP A 243 -5.45 -10.72 24.36
CA ASP A 243 -4.26 -10.04 24.85
C ASP A 243 -2.99 -10.48 24.13
N LEU A 244 -3.03 -11.64 23.44
CA LEU A 244 -1.90 -12.03 22.59
C LEU A 244 -1.59 -10.96 21.56
N ALA A 245 -2.60 -10.21 21.14
CA ALA A 245 -2.47 -9.17 20.12
C ALA A 245 -2.39 -7.78 20.71
N SER A 246 -1.96 -7.65 21.98
CA SER A 246 -2.00 -6.34 22.62
CA SER A 246 -1.97 -6.35 22.64
C SER A 246 -1.07 -5.33 21.95
N GLY A 247 -0.11 -5.78 21.14
CA GLY A 247 0.70 -4.86 20.38
C GLY A 247 0.11 -4.44 19.05
N VAL A 248 -1.07 -4.92 18.67
CA VAL A 248 -1.60 -4.78 17.31
C VAL A 248 -2.85 -3.92 17.32
N THR A 249 -2.79 -2.78 16.62
CA THR A 249 -3.97 -1.96 16.43
C THR A 249 -3.83 -1.21 15.09
N ALA A 250 -4.96 -0.74 14.59
CA ALA A 250 -5.06 -0.05 13.30
C ALA A 250 -4.64 -0.92 12.11
N GLU A 251 -4.66 -2.24 12.30
CA GLU A 251 -4.16 -3.19 11.30
C GLU A 251 -5.32 -3.78 10.50
N VAL A 252 -5.10 -3.96 9.20
CA VAL A 252 -5.99 -4.73 8.34
C VAL A 252 -5.22 -6.00 7.98
N MET A 253 -5.55 -7.10 8.65
CA MET A 253 -4.82 -8.35 8.49
C MET A 253 -5.48 -9.21 7.42
N HIS A 254 -4.72 -9.62 6.41
CA HIS A 254 -5.28 -10.51 5.40
C HIS A 254 -5.32 -11.94 5.90
N VAL A 255 -6.49 -12.56 5.82
CA VAL A 255 -6.62 -14.00 6.05
C VAL A 255 -7.22 -14.57 4.78
N ASP A 256 -6.37 -14.84 3.79
CA ASP A 256 -6.86 -15.08 2.43
C ASP A 256 -5.94 -16.03 1.67
N SER A 257 -5.22 -16.90 2.37
CA SER A 257 -4.28 -17.83 1.77
C SER A 257 -3.20 -17.12 0.96
N GLY A 258 -2.99 -15.83 1.24
CA GLY A 258 -2.00 -15.03 0.56
C GLY A 258 -2.44 -14.39 -0.73
N PHE A 259 -3.72 -14.50 -1.09
CA PHE A 259 -4.16 -14.12 -2.43
C PHE A 259 -3.88 -12.65 -2.72
N ASN A 260 -4.03 -11.77 -1.72
CA ASN A 260 -3.83 -10.34 -1.92
C ASN A 260 -2.42 -10.02 -2.42
N ALA A 261 -1.45 -10.89 -2.13
CA ALA A 261 -0.04 -10.57 -2.34
C ALA A 261 0.50 -10.97 -3.71
N VAL A 262 -0.34 -11.47 -4.61
CA VAL A 262 0.15 -11.97 -5.89
C VAL A 262 -0.60 -11.28 -7.01
N VAL A 263 -0.07 -11.45 -8.22
CA VAL A 263 -0.79 -11.18 -9.46
C VAL A 263 -1.08 -12.55 -10.06
N GLY A 264 -2.30 -13.04 -9.90
CA GLY A 264 -2.62 -14.39 -10.35
C GLY A 264 -3.15 -14.44 -11.75
N GLY A 265 -3.17 -15.65 -12.31
CA GLY A 265 -3.80 -15.90 -13.59
C GLY A 265 -2.90 -15.84 -14.81
N MET A 266 -1.62 -15.51 -14.65
CA MET A 266 -0.76 -15.29 -15.79
C MET A 266 0.19 -16.44 -16.09
N ALA A 267 0.14 -17.51 -15.30
CA ALA A 267 1.03 -18.65 -15.53
C ALA A 267 0.29 -19.79 -16.23
N MET B 9 2.20 24.03 -30.24
CA MET B 9 0.91 24.13 -29.56
C MET B 9 0.98 23.49 -28.18
N GLY B 10 0.12 23.94 -27.26
CA GLY B 10 0.13 23.40 -25.92
C GLY B 10 -0.36 21.97 -25.87
N PHE B 11 -0.02 21.25 -24.79
CA PHE B 11 -0.31 19.82 -24.82
C PHE B 11 -1.76 19.49 -24.50
N LEU B 12 -2.63 20.50 -24.35
CA LEU B 12 -4.07 20.29 -24.24
C LEU B 12 -4.82 21.03 -25.34
N ASP B 13 -4.18 21.25 -26.49
CA ASP B 13 -4.79 22.12 -27.49
C ASP B 13 -6.12 21.55 -27.98
N GLY B 14 -7.17 22.37 -27.91
CA GLY B 14 -8.49 21.99 -28.37
C GLY B 14 -9.30 21.15 -27.40
N LYS B 15 -8.73 20.74 -26.27
CA LYS B 15 -9.45 19.90 -25.32
C LYS B 15 -10.49 20.70 -24.56
N ARG B 16 -11.71 20.16 -24.48
CA ARG B 16 -12.80 20.84 -23.80
C ARG B 16 -12.97 20.22 -22.43
N ILE B 17 -12.75 21.02 -21.39
CA ILE B 17 -12.61 20.54 -20.02
C ILE B 17 -13.57 21.31 -19.12
N LEU B 18 -14.34 20.57 -18.31
CA LEU B 18 -15.26 21.14 -17.33
C LEU B 18 -14.66 21.05 -15.94
N LEU B 19 -14.63 22.17 -15.22
CA LEU B 19 -14.01 22.24 -13.89
C LEU B 19 -15.04 22.59 -12.84
N THR B 20 -15.08 21.80 -11.76
CA THR B 20 -15.87 22.08 -10.57
C THR B 20 -14.95 22.67 -9.49
N GLY B 21 -15.58 23.28 -8.48
CA GLY B 21 -14.85 23.66 -7.29
C GLY B 21 -14.01 24.92 -7.39
N LEU B 22 -14.18 25.73 -8.43
CA LEU B 22 -13.42 26.98 -8.51
C LEU B 22 -14.18 28.03 -7.72
N LEU B 23 -13.74 28.29 -6.50
CA LEU B 23 -14.36 29.29 -5.64
C LEU B 23 -13.59 30.61 -5.61
N SER B 24 -12.28 30.57 -5.73
CA SER B 24 -11.46 31.77 -5.61
C SER B 24 -10.11 31.49 -6.26
N ASN B 25 -9.26 32.54 -6.30
CA ASN B 25 -7.94 32.34 -6.87
C ASN B 25 -7.04 31.48 -5.98
N ARG B 26 -7.52 31.04 -4.83
CA ARG B 26 -6.80 30.10 -3.98
C ARG B 26 -7.25 28.65 -4.17
N SER B 27 -8.32 28.42 -4.92
CA SER B 27 -8.83 27.07 -5.14
C SER B 27 -7.84 26.24 -5.95
N ILE B 28 -7.72 24.95 -5.60
CA ILE B 28 -6.97 24.03 -6.44
C ILE B 28 -7.48 24.07 -7.87
N ALA B 29 -8.80 24.13 -8.05
CA ALA B 29 -9.38 24.23 -9.39
C ALA B 29 -8.89 25.45 -10.14
N TYR B 30 -8.58 26.55 -9.45
CA TYR B 30 -8.04 27.70 -10.15
C TYR B 30 -6.65 27.41 -10.70
N GLY B 31 -5.82 26.70 -9.93
CA GLY B 31 -4.51 26.34 -10.43
C GLY B 31 -4.57 25.41 -11.63
N ILE B 32 -5.50 24.45 -11.59
CA ILE B 32 -5.71 23.55 -12.72
C ILE B 32 -6.23 24.30 -13.94
N ALA B 33 -7.22 25.19 -13.73
CA ALA B 33 -7.74 25.99 -14.83
C ALA B 33 -6.63 26.78 -15.50
N LYS B 34 -5.78 27.43 -14.70
CA LYS B 34 -4.72 28.26 -15.27
C LYS B 34 -3.76 27.43 -16.12
N ALA B 35 -3.40 26.24 -15.64
CA ALA B 35 -2.49 25.39 -16.40
C ALA B 35 -3.14 24.85 -17.65
N CYS B 36 -4.39 24.39 -17.55
CA CYS B 36 -5.11 23.88 -18.72
C CYS B 36 -5.25 24.95 -19.79
N LYS B 37 -5.63 26.16 -19.39
CA LYS B 37 -5.76 27.25 -20.37
C LYS B 37 -4.41 27.56 -21.01
N ARG B 38 -3.34 27.60 -20.20
CA ARG B 38 -1.99 27.83 -20.74
C ARG B 38 -1.67 26.83 -21.85
N GLU B 39 -2.11 25.58 -21.69
CA GLU B 39 -1.82 24.52 -22.64
C GLU B 39 -2.88 24.36 -23.72
N GLY B 40 -3.73 25.36 -23.90
CA GLY B 40 -4.60 25.41 -25.07
C GLY B 40 -6.00 24.85 -24.91
N ALA B 41 -6.41 24.45 -23.71
CA ALA B 41 -7.73 23.89 -23.54
C ALA B 41 -8.79 25.00 -23.58
N GLU B 42 -10.03 24.58 -23.87
CA GLU B 42 -11.22 25.43 -23.71
C GLU B 42 -11.96 24.99 -22.46
N LEU B 43 -12.37 25.94 -21.62
CA LEU B 43 -12.85 25.63 -20.29
C LEU B 43 -14.31 26.01 -20.11
N ALA B 44 -14.98 25.23 -19.23
CA ALA B 44 -16.32 25.50 -18.71
C ALA B 44 -16.26 25.26 -17.20
N PHE B 45 -17.20 25.87 -16.45
CA PHE B 45 -17.13 25.89 -15.00
C PHE B 45 -18.51 25.68 -14.39
N THR B 46 -18.53 25.06 -13.21
CA THR B 46 -19.75 24.98 -12.40
C THR B 46 -19.66 25.92 -11.21
N TYR B 47 -20.81 26.17 -10.59
CA TYR B 47 -20.89 26.98 -9.38
C TYR B 47 -22.11 26.55 -8.58
N VAL B 48 -22.14 26.93 -7.31
CA VAL B 48 -23.20 26.57 -6.39
C VAL B 48 -23.83 27.85 -5.87
N GLY B 49 -25.12 28.01 -6.09
CA GLY B 49 -25.83 29.16 -5.57
C GLY B 49 -25.85 30.30 -6.56
N ASP B 50 -27.04 30.88 -6.75
CA ASP B 50 -27.19 32.02 -7.64
C ASP B 50 -26.35 33.20 -7.19
N ARG B 51 -26.06 33.29 -5.88
CA ARG B 51 -25.27 34.41 -5.37
C ARG B 51 -23.84 34.40 -5.90
N PHE B 52 -23.38 33.27 -6.43
CA PHE B 52 -22.02 33.12 -6.94
C PHE B 52 -21.95 33.14 -8.46
N LYS B 53 -23.06 33.39 -9.14
CA LYS B 53 -23.05 33.40 -10.61
C LYS B 53 -22.13 34.50 -11.15
N ASP B 54 -22.16 35.67 -10.53
CA ASP B 54 -21.29 36.77 -10.97
C ASP B 54 -19.82 36.41 -10.78
N ARG B 55 -19.46 35.89 -9.61
CA ARG B 55 -18.04 35.64 -9.33
C ARG B 55 -17.46 34.59 -10.27
N ILE B 56 -18.21 33.51 -10.53
CA ILE B 56 -17.70 32.48 -11.43
C ILE B 56 -17.69 32.97 -12.87
N THR B 57 -18.65 33.81 -13.26
CA THR B 57 -18.64 34.37 -14.60
C THR B 57 -17.39 35.20 -14.83
N GLU B 58 -16.94 35.95 -13.81
CA GLU B 58 -15.69 36.69 -13.92
C GLU B 58 -14.51 35.74 -14.14
N PHE B 59 -14.44 34.65 -13.35
CA PHE B 59 -13.35 33.70 -13.52
C PHE B 59 -13.38 33.07 -14.91
N ALA B 60 -14.56 32.74 -15.41
CA ALA B 60 -14.65 32.15 -16.74
C ALA B 60 -14.13 33.10 -17.80
N ALA B 61 -14.46 34.39 -17.68
CA ALA B 61 -13.99 35.38 -18.65
C ALA B 61 -12.47 35.54 -18.56
N GLU B 62 -11.90 35.46 -17.35
CA GLU B 62 -10.46 35.48 -17.21
C GLU B 62 -9.80 34.41 -18.07
N PHE B 63 -10.42 33.22 -18.12
CA PHE B 63 -9.95 32.12 -18.95
C PHE B 63 -10.62 32.06 -20.31
N GLY B 64 -11.14 33.18 -20.80
CA GLY B 64 -11.67 33.26 -22.15
C GLY B 64 -12.90 32.41 -22.40
N SER B 65 -13.73 32.21 -21.38
CA SER B 65 -14.90 31.35 -21.48
C SER B 65 -16.15 32.10 -21.06
N GLU B 66 -17.27 31.77 -21.70
CA GLU B 66 -18.58 32.22 -21.27
C GLU B 66 -19.44 31.11 -20.67
N LEU B 67 -18.87 29.93 -20.41
CA LEU B 67 -19.67 28.74 -20.11
C LEU B 67 -19.63 28.45 -18.61
N VAL B 68 -20.70 28.80 -17.92
CA VAL B 68 -20.83 28.55 -16.48
C VAL B 68 -22.21 27.94 -16.22
N PHE B 69 -22.27 27.02 -15.24
CA PHE B 69 -23.48 26.23 -14.99
C PHE B 69 -23.68 25.98 -13.51
N PRO B 70 -24.90 26.10 -12.99
CA PRO B 70 -25.14 25.76 -11.59
C PRO B 70 -25.12 24.26 -11.40
N CYS B 71 -24.44 23.80 -10.35
CA CYS B 71 -24.48 22.37 -10.04
C CYS B 71 -24.12 22.16 -8.56
N ASP B 72 -25.15 22.01 -7.74
CA ASP B 72 -25.02 21.50 -6.38
C ASP B 72 -25.13 19.97 -6.47
N VAL B 73 -24.04 19.26 -6.19
CA VAL B 73 -23.97 17.83 -6.44
C VAL B 73 -24.78 17.05 -5.40
N ALA B 74 -25.39 17.75 -4.45
CA ALA B 74 -26.35 17.07 -3.58
C ALA B 74 -27.66 16.73 -4.30
N ASP B 75 -27.89 17.28 -5.49
CA ASP B 75 -29.19 17.26 -6.16
C ASP B 75 -29.04 16.53 -7.50
N ASP B 76 -29.67 15.35 -7.62
CA ASP B 76 -29.64 14.59 -8.88
C ASP B 76 -30.05 15.46 -10.07
N ALA B 77 -31.06 16.31 -9.86
CA ALA B 77 -31.60 17.09 -10.97
C ALA B 77 -30.57 18.08 -11.50
N GLN B 78 -29.75 18.66 -10.62
CA GLN B 78 -28.76 19.63 -11.07
C GLN B 78 -27.62 18.96 -11.83
N ILE B 79 -27.25 17.75 -11.41
CA ILE B 79 -26.24 16.99 -12.13
C ILE B 79 -26.72 16.66 -13.53
N ASP B 80 -27.98 16.20 -13.65
CA ASP B 80 -28.53 15.88 -14.96
C ASP B 80 -28.65 17.13 -15.82
N ALA B 81 -29.14 18.24 -15.26
CA ALA B 81 -29.29 19.46 -16.04
C ALA B 81 -27.94 20.04 -16.44
N LEU B 82 -26.91 19.85 -15.61
CA LEU B 82 -25.58 20.32 -15.95
C LEU B 82 -25.13 19.80 -17.31
N PHE B 83 -25.25 18.48 -17.52
CA PHE B 83 -24.73 17.95 -18.77
C PHE B 83 -25.70 18.11 -19.93
N ALA B 84 -27.01 18.22 -19.65
CA ALA B 84 -27.93 18.62 -20.70
C ALA B 84 -27.60 20.03 -21.19
N SER B 85 -27.34 20.95 -20.27
CA SER B 85 -26.98 22.31 -20.69
C SER B 85 -25.64 22.33 -21.43
N LEU B 86 -24.64 21.64 -20.86
CA LEU B 86 -23.32 21.64 -21.49
C LEU B 86 -23.38 21.10 -22.91
N LYS B 87 -24.22 20.10 -23.13
CA LYS B 87 -24.38 19.51 -24.46
C LYS B 87 -24.91 20.53 -25.48
N THR B 88 -25.63 21.56 -25.04
CA THR B 88 -26.08 22.53 -26.05
C THR B 88 -24.94 23.40 -26.55
N HIS B 89 -23.78 23.37 -25.91
CA HIS B 89 -22.61 24.11 -26.36
C HIS B 89 -21.49 23.24 -26.89
N TRP B 90 -21.28 22.06 -26.30
CA TRP B 90 -20.22 21.13 -26.67
C TRP B 90 -20.81 19.79 -27.06
N ASP B 91 -20.48 19.30 -28.25
CA ASP B 91 -20.97 17.99 -28.66
CA ASP B 91 -20.96 17.98 -28.67
C ASP B 91 -20.33 16.87 -27.84
N SER B 92 -19.12 17.08 -27.35
CA SER B 92 -18.43 16.08 -26.56
C SER B 92 -17.56 16.75 -25.51
N LEU B 93 -17.27 16.00 -24.45
CA LEU B 93 -16.52 16.49 -23.29
C LEU B 93 -15.21 15.70 -23.20
N ASP B 94 -14.08 16.41 -23.17
CA ASP B 94 -12.77 15.77 -23.13
C ASP B 94 -12.20 15.60 -21.72
N GLY B 95 -12.58 16.46 -20.78
CA GLY B 95 -12.01 16.37 -19.44
C GLY B 95 -12.99 16.83 -18.37
N LEU B 96 -12.84 16.27 -17.18
CA LEU B 96 -13.67 16.63 -16.04
C LEU B 96 -12.80 16.75 -14.81
N VAL B 97 -12.88 17.88 -14.12
CA VAL B 97 -12.12 18.08 -12.88
C VAL B 97 -13.11 18.14 -11.73
N HIS B 98 -13.04 17.12 -10.87
CA HIS B 98 -13.84 17.01 -9.65
C HIS B 98 -13.00 17.52 -8.49
N SER B 99 -13.31 18.72 -8.00
CA SER B 99 -12.53 19.37 -6.96
C SER B 99 -13.49 19.91 -5.92
N ILE B 100 -14.24 18.97 -5.33
CA ILE B 100 -15.41 19.21 -4.51
C ILE B 100 -15.27 18.34 -3.28
N GLY B 101 -15.48 18.92 -2.11
CA GLY B 101 -15.46 18.15 -0.89
C GLY B 101 -16.15 18.93 0.21
N PHE B 102 -16.88 18.24 1.08
CA PHE B 102 -17.53 18.92 2.19
C PHE B 102 -17.83 17.92 3.29
N ALA B 103 -17.69 18.36 4.53
CA ALA B 103 -18.26 17.67 5.67
C ALA B 103 -18.67 18.74 6.68
N PRO B 104 -19.72 18.51 7.46
CA PRO B 104 -20.05 19.45 8.53
C PRO B 104 -18.84 19.66 9.41
N ARG B 105 -18.66 20.89 9.89
CA ARG B 105 -17.37 21.26 10.48
C ARG B 105 -17.03 20.39 11.69
N GLU B 106 -18.04 19.97 12.46
CA GLU B 106 -17.70 19.20 13.66
C GLU B 106 -17.19 17.81 13.32
N ALA B 107 -17.43 17.35 12.09
CA ALA B 107 -16.96 16.04 11.65
C ALA B 107 -15.51 16.06 11.18
N ILE B 108 -14.90 17.25 11.08
CA ILE B 108 -13.51 17.37 10.67
C ILE B 108 -12.75 18.29 11.62
N ALA B 109 -13.18 18.31 12.88
CA ALA B 109 -12.45 19.00 13.93
C ALA B 109 -12.50 18.12 15.18
N GLY B 110 -11.46 18.21 15.99
CA GLY B 110 -11.47 17.54 17.27
C GLY B 110 -11.37 16.03 17.14
N ASP B 111 -12.05 15.34 18.04
CA ASP B 111 -12.01 13.87 18.08
C ASP B 111 -12.92 13.28 17.02
N PHE B 112 -12.48 12.15 16.44
CA PHE B 112 -13.24 11.49 15.37
C PHE B 112 -14.66 11.12 15.84
N LEU B 113 -14.78 10.55 17.04
CA LEU B 113 -16.10 10.08 17.47
C LEU B 113 -17.01 11.23 17.90
N ASP B 114 -16.45 12.31 18.43
CA ASP B 114 -17.28 13.45 18.83
C ASP B 114 -18.09 14.00 17.65
N GLY B 115 -17.52 14.00 16.45
CA GLY B 115 -18.19 14.54 15.29
C GLY B 115 -18.93 13.51 14.46
N LEU B 116 -19.00 12.26 14.92
CA LEU B 116 -19.56 11.17 14.13
C LEU B 116 -21.05 11.04 14.43
N THR B 117 -21.88 11.34 13.44
CA THR B 117 -23.31 11.05 13.45
C THR B 117 -23.67 10.46 12.11
N ARG B 118 -24.80 9.76 12.05
CA ARG B 118 -25.21 9.17 10.78
C ARG B 118 -25.33 10.23 9.70
N GLU B 119 -25.89 11.40 10.04
CA GLU B 119 -26.13 12.41 9.03
C GLU B 119 -24.84 13.11 8.62
N ASN B 120 -23.92 13.37 9.57
CA ASN B 120 -22.62 13.93 9.19
C ASN B 120 -21.86 12.97 8.29
N PHE B 121 -21.88 11.68 8.63
CA PHE B 121 -21.24 10.68 7.79
C PHE B 121 -21.87 10.66 6.41
N ARG B 122 -23.20 10.69 6.35
CA ARG B 122 -23.90 10.61 5.07
C ARG B 122 -23.53 11.78 4.18
N ILE B 123 -23.56 13.00 4.73
CA ILE B 123 -23.24 14.19 3.94
C ILE B 123 -21.80 14.14 3.44
N ALA B 124 -20.86 13.83 4.33
CA ALA B 124 -19.46 13.81 3.91
C ALA B 124 -19.24 12.85 2.75
N HIS B 125 -19.84 11.65 2.80
CA HIS B 125 -19.62 10.69 1.73
C HIS B 125 -20.44 11.03 0.48
N ASP B 126 -21.64 11.57 0.67
CA ASP B 126 -22.45 12.04 -0.46
C ASP B 126 -21.71 13.07 -1.30
N ILE B 127 -21.26 14.15 -0.67
CA ILE B 127 -20.68 15.26 -1.42
C ILE B 127 -19.25 14.95 -1.85
N SER B 128 -18.47 14.32 -0.98
CA SER B 128 -17.03 14.18 -1.22
C SER B 128 -16.66 12.93 -2.01
N ALA B 129 -17.51 11.91 -2.04
CA ALA B 129 -17.17 10.66 -2.70
C ALA B 129 -18.18 10.30 -3.78
N TYR B 130 -19.47 10.14 -3.43
CA TYR B 130 -20.48 9.76 -4.43
C TYR B 130 -20.48 10.71 -5.63
N SER B 131 -20.28 12.02 -5.39
CA SER B 131 -20.48 12.98 -6.48
C SER B 131 -19.52 12.76 -7.65
N PHE B 132 -18.31 12.18 -7.42
CA PHE B 132 -17.39 11.98 -8.53
C PHE B 132 -17.91 10.94 -9.52
N PRO B 133 -18.20 9.69 -9.12
CA PRO B 133 -18.81 8.77 -10.08
C PRO B 133 -20.21 9.19 -10.52
N ALA B 134 -20.97 9.90 -9.68
CA ALA B 134 -22.26 10.43 -10.14
C ALA B 134 -22.07 11.32 -11.36
N LEU B 135 -21.11 12.25 -11.29
CA LEU B 135 -20.88 13.14 -12.42
C LEU B 135 -20.38 12.36 -13.63
N ALA B 136 -19.49 11.40 -13.41
CA ALA B 136 -18.99 10.55 -14.48
C ALA B 136 -20.13 9.86 -15.21
N LYS B 137 -21.09 9.29 -14.46
CA LYS B 137 -22.20 8.60 -15.10
C LYS B 137 -23.09 9.56 -15.87
N ALA B 138 -23.32 10.76 -15.34
CA ALA B 138 -24.17 11.71 -16.06
C ALA B 138 -23.46 12.26 -17.30
N ALA B 139 -22.14 12.33 -17.27
CA ALA B 139 -21.37 12.83 -18.40
C ALA B 139 -21.18 11.80 -19.50
N LEU B 140 -21.25 10.51 -19.16
CA LEU B 140 -20.84 9.45 -20.08
C LEU B 140 -21.42 9.58 -21.47
N PRO B 141 -22.72 9.86 -21.66
CA PRO B 141 -23.25 9.92 -23.04
C PRO B 141 -22.54 10.93 -23.93
N MET B 142 -21.87 11.94 -23.36
CA MET B 142 -21.17 12.94 -24.18
C MET B 142 -19.66 12.93 -23.96
N LEU B 143 -19.12 11.95 -23.25
CA LEU B 143 -17.68 11.88 -23.08
C LEU B 143 -17.02 11.42 -24.36
N SER B 144 -15.94 12.10 -24.75
CA SER B 144 -15.13 11.59 -25.84
CA SER B 144 -15.10 11.61 -25.82
C SER B 144 -14.53 10.25 -25.45
N ASP B 145 -14.25 9.43 -26.48
CA ASP B 145 -13.73 8.10 -26.20
C ASP B 145 -12.43 8.14 -25.42
N ASP B 146 -11.60 9.16 -25.63
CA ASP B 146 -10.32 9.27 -24.93
C ASP B 146 -10.35 10.36 -23.85
N ALA B 147 -11.52 10.63 -23.27
CA ALA B 147 -11.64 11.64 -22.23
C ALA B 147 -10.87 11.22 -20.97
N SER B 148 -10.64 12.21 -20.09
CA SER B 148 -9.85 12.00 -18.87
C SER B 148 -10.56 12.66 -17.70
N LEU B 149 -10.83 11.88 -16.64
CA LEU B 149 -11.53 12.38 -15.47
C LEU B 149 -10.56 12.45 -14.30
N LEU B 150 -10.58 13.57 -13.56
CA LEU B 150 -9.62 13.81 -12.49
C LEU B 150 -10.33 14.22 -11.21
N THR B 151 -9.94 13.61 -10.08
CA THR B 151 -10.43 14.05 -8.78
C THR B 151 -9.26 14.38 -7.87
N LEU B 152 -9.58 15.01 -6.74
CA LEU B 152 -8.58 15.47 -5.77
C LEU B 152 -8.79 14.72 -4.46
N SER B 153 -7.71 14.16 -3.91
CA SER B 153 -7.80 13.46 -2.64
C SER B 153 -6.73 13.98 -1.68
N TYR B 154 -6.52 13.27 -0.57
CA TYR B 154 -5.61 13.73 0.46
C TYR B 154 -5.10 12.53 1.24
N LEU B 155 -3.87 12.67 1.77
CA LEU B 155 -3.19 11.60 2.51
C LEU B 155 -4.03 11.03 3.65
N GLY B 156 -4.96 11.81 4.21
CA GLY B 156 -5.84 11.31 5.25
C GLY B 156 -6.67 10.11 4.83
N ALA B 157 -6.75 9.84 3.53
CA ALA B 157 -7.41 8.61 3.08
C ALA B 157 -6.59 7.37 3.42
N GLU B 158 -5.26 7.50 3.41
CA GLU B 158 -4.33 6.38 3.55
C GLU B 158 -3.89 6.15 4.99
N ARG B 159 -3.72 7.23 5.76
CA ARG B 159 -3.28 7.13 7.15
C ARG B 159 -4.07 8.13 7.97
N ALA B 160 -4.17 7.86 9.27
CA ALA B 160 -4.97 8.74 10.13
C ALA B 160 -4.21 10.04 10.38
N ILE B 161 -4.84 11.16 10.02
CA ILE B 161 -4.27 12.49 10.17
C ILE B 161 -5.11 13.26 11.16
N PRO B 162 -4.52 14.00 12.11
CA PRO B 162 -5.34 14.64 13.16
C PRO B 162 -6.40 15.56 12.57
N ASN B 163 -7.60 15.47 13.15
CA ASN B 163 -8.78 16.27 12.82
C ASN B 163 -9.44 15.92 11.48
N TYR B 164 -8.76 15.18 10.60
CA TYR B 164 -9.34 14.94 9.28
C TYR B 164 -10.57 14.04 9.38
N ASN B 165 -10.52 13.06 10.28
CA ASN B 165 -11.69 12.34 10.78
C ASN B 165 -12.60 11.80 9.69
N THR B 166 -13.88 12.20 9.69
CA THR B 166 -14.83 11.62 8.73
C THR B 166 -14.41 11.84 7.28
N MET B 167 -13.71 12.95 6.98
CA MET B 167 -13.27 13.17 5.61
CA MET B 167 -13.27 13.17 5.61
C MET B 167 -12.24 12.14 5.18
N GLY B 168 -11.50 11.55 6.13
CA GLY B 168 -10.58 10.49 5.77
C GLY B 168 -11.30 9.27 5.23
N LEU B 169 -12.43 8.91 5.87
CA LEU B 169 -13.26 7.82 5.36
C LEU B 169 -13.78 8.14 3.97
N ALA B 170 -14.28 9.35 3.78
CA ALA B 170 -14.87 9.72 2.50
C ALA B 170 -13.82 9.74 1.40
N LYS B 171 -12.60 10.21 1.70
CA LYS B 171 -11.58 10.22 0.66
C LYS B 171 -11.11 8.80 0.33
N ALA B 172 -11.14 7.89 1.30
CA ALA B 172 -10.80 6.51 1.00
C ALA B 172 -11.80 5.92 0.01
N ALA B 173 -13.09 6.18 0.23
CA ALA B 173 -14.11 5.73 -0.72
C ALA B 173 -13.91 6.40 -2.07
N LEU B 174 -13.53 7.67 -2.08
CA LEU B 174 -13.27 8.38 -3.34
C LEU B 174 -12.15 7.71 -4.12
N GLU B 175 -11.04 7.38 -3.46
CA GLU B 175 -9.93 6.74 -4.15
C GLU B 175 -10.31 5.35 -4.65
N ALA B 176 -11.16 4.61 -3.91
CA ALA B 176 -11.65 3.36 -4.48
C ALA B 176 -12.52 3.61 -5.71
N SER B 177 -13.31 4.70 -5.70
CA SER B 177 -14.14 4.97 -6.88
C SER B 177 -13.28 5.25 -8.11
N VAL B 178 -12.10 5.82 -7.93
CA VAL B 178 -11.16 5.99 -9.04
C VAL B 178 -10.89 4.64 -9.71
N ARG B 179 -10.66 3.60 -8.92
CA ARG B 179 -10.30 2.30 -9.48
C ARG B 179 -11.50 1.65 -10.16
N TYR B 180 -12.69 1.68 -9.52
CA TYR B 180 -13.86 1.08 -10.16
C TYR B 180 -14.31 1.88 -11.38
N LEU B 181 -14.18 3.22 -11.33
CA LEU B 181 -14.48 4.01 -12.52
C LEU B 181 -13.52 3.68 -13.67
N ALA B 182 -12.23 3.52 -13.36
CA ALA B 182 -11.28 3.23 -14.42
C ALA B 182 -11.61 1.93 -15.15
N VAL B 183 -12.05 0.91 -14.39
CA VAL B 183 -12.47 -0.34 -14.99
C VAL B 183 -13.74 -0.15 -15.82
N SER B 184 -14.73 0.55 -15.25
CA SER B 184 -16.00 0.73 -15.95
C SER B 184 -15.83 1.47 -17.28
N LEU B 185 -15.01 2.52 -17.29
CA LEU B 185 -14.91 3.43 -18.41
C LEU B 185 -13.75 3.11 -19.33
N GLY B 186 -12.91 2.15 -18.97
CA GLY B 186 -11.63 1.99 -19.64
C GLY B 186 -11.72 1.35 -21.01
N ALA B 187 -12.63 0.39 -21.19
CA ALA B 187 -12.77 -0.25 -22.49
C ALA B 187 -13.13 0.78 -23.56
N LYS B 188 -13.96 1.76 -23.18
CA LYS B 188 -14.27 2.86 -24.08
C LYS B 188 -13.03 3.66 -24.44
N GLY B 189 -12.09 3.76 -23.50
CA GLY B 189 -10.87 4.52 -23.67
C GLY B 189 -10.70 5.65 -22.67
N VAL B 190 -11.64 5.82 -21.74
CA VAL B 190 -11.62 6.94 -20.79
C VAL B 190 -10.71 6.59 -19.61
N ARG B 191 -9.91 7.56 -19.18
CA ARG B 191 -8.99 7.41 -18.06
C ARG B 191 -9.54 8.12 -16.83
N VAL B 192 -9.23 7.58 -15.65
CA VAL B 192 -9.71 8.12 -14.37
C VAL B 192 -8.56 8.09 -13.38
N ASN B 193 -8.26 9.23 -12.78
CA ASN B 193 -7.13 9.35 -11.85
C ASN B 193 -7.47 10.33 -10.74
N ALA B 194 -6.69 10.28 -9.67
CA ALA B 194 -6.74 11.27 -8.61
C ALA B 194 -5.36 11.88 -8.40
N ILE B 195 -5.35 13.12 -7.91
CA ILE B 195 -4.15 13.70 -7.32
C ILE B 195 -4.38 13.77 -5.83
N SER B 196 -3.48 13.18 -5.05
CA SER B 196 -3.49 13.32 -3.60
C SER B 196 -2.60 14.53 -3.31
N ALA B 197 -3.23 15.69 -3.09
CA ALA B 197 -2.47 16.91 -2.94
C ALA B 197 -2.09 17.14 -1.48
N GLY B 198 -0.94 17.76 -1.28
CA GLY B 198 -0.54 18.19 0.04
C GLY B 198 -1.42 19.34 0.49
N PRO B 199 -1.33 19.73 1.76
CA PRO B 199 -2.14 20.86 2.24
C PRO B 199 -1.72 22.14 1.54
N ILE B 200 -2.71 22.97 1.24
CA ILE B 200 -2.49 24.19 0.47
C ILE B 200 -2.64 25.41 1.37
N LYS B 209 -4.58 28.04 12.69
CA LYS B 209 -5.11 27.14 13.71
C LYS B 209 -4.39 25.79 13.63
N SER B 210 -5.12 24.71 13.89
CA SER B 210 -4.55 23.37 13.72
C SER B 210 -4.10 23.14 12.29
N PHE B 211 -4.63 23.89 11.33
CA PHE B 211 -4.20 23.74 9.94
C PHE B 211 -2.83 24.35 9.71
N GLY B 212 -2.58 25.53 10.27
CA GLY B 212 -1.25 26.13 10.17
C GLY B 212 -0.16 25.29 10.80
N LYS B 213 -0.50 24.55 11.86
CA LYS B 213 0.46 23.63 12.45
C LYS B 213 0.82 22.53 11.47
N ILE B 214 -0.15 22.09 10.67
CA ILE B 214 0.12 21.04 9.69
C ILE B 214 0.99 21.58 8.56
N LEU B 215 0.75 22.84 8.15
CA LEU B 215 1.58 23.44 7.12
C LEU B 215 3.03 23.56 7.57
N ASP B 216 3.25 23.99 8.82
CA ASP B 216 4.60 24.07 9.37
C ASP B 216 5.25 22.70 9.40
N PHE B 217 4.51 21.69 9.82
CA PHE B 217 5.07 20.34 9.92
C PHE B 217 5.45 19.81 8.54
N VAL B 218 4.61 20.06 7.53
CA VAL B 218 4.89 19.56 6.19
C VAL B 218 6.10 20.29 5.61
N GLU B 219 6.17 21.60 5.80
CA GLU B 219 7.34 22.35 5.32
C GLU B 219 8.62 21.86 5.99
N SER B 220 8.56 21.53 7.28
CA SER B 220 9.76 21.09 7.99
C SER B 220 10.13 19.64 7.66
N ASN B 221 9.17 18.80 7.30
CA ASN B 221 9.42 17.36 7.26
C ASN B 221 9.31 16.72 5.89
N SER B 222 8.68 17.37 4.92
CA SER B 222 8.62 16.80 3.59
C SER B 222 10.02 16.74 2.98
N PRO B 223 10.27 15.78 2.09
CA PRO B 223 11.60 15.72 1.42
C PRO B 223 12.06 17.02 0.78
N LEU B 224 11.16 17.72 0.09
CA LEU B 224 11.54 18.98 -0.54
C LEU B 224 11.47 20.16 0.42
N LYS B 225 11.04 19.93 1.67
CA LYS B 225 11.11 20.97 2.71
C LYS B 225 10.30 22.22 2.30
N ARG B 226 9.13 22.01 1.72
CA ARG B 226 8.31 23.10 1.23
C ARG B 226 6.90 22.59 0.98
N ASN B 227 5.91 23.46 1.15
CA ASN B 227 4.56 23.07 0.84
C ASN B 227 4.31 23.16 -0.66
N VAL B 228 3.35 22.38 -1.15
CA VAL B 228 3.02 22.45 -2.55
C VAL B 228 2.13 23.67 -2.81
N THR B 229 2.12 24.11 -4.06
CA THR B 229 1.35 25.27 -4.52
C THR B 229 0.23 24.81 -5.44
N ILE B 230 -0.79 25.66 -5.61
CA ILE B 230 -1.81 25.27 -6.57
C ILE B 230 -1.26 25.26 -7.99
N GLU B 231 -0.17 25.99 -8.26
CA GLU B 231 0.48 25.89 -9.56
C GLU B 231 1.06 24.49 -9.80
N GLN B 232 1.66 23.90 -8.77
CA GLN B 232 2.24 22.56 -8.92
C GLN B 232 1.15 21.51 -9.05
N VAL B 233 0.09 21.60 -8.25
CA VAL B 233 -1.04 20.70 -8.42
C VAL B 233 -1.68 20.91 -9.79
N GLY B 234 -1.79 22.17 -10.22
CA GLY B 234 -2.42 22.45 -11.50
C GLY B 234 -1.66 21.86 -12.68
N ASN B 235 -0.34 21.94 -12.66
CA ASN B 235 0.46 21.38 -13.75
C ASN B 235 0.37 19.85 -13.76
N ALA B 236 0.39 19.22 -12.59
CA ALA B 236 0.20 17.78 -12.54
C ALA B 236 -1.19 17.40 -13.05
N GLY B 237 -2.21 18.20 -12.74
CA GLY B 237 -3.55 17.91 -13.23
C GLY B 237 -3.66 18.04 -14.73
N ALA B 238 -3.11 19.13 -15.28
CA ALA B 238 -3.09 19.29 -16.73
C ALA B 238 -2.43 18.10 -17.39
N PHE B 239 -1.32 17.61 -16.83
CA PHE B 239 -0.66 16.42 -17.36
C PHE B 239 -1.64 15.24 -17.38
N LEU B 240 -2.28 14.93 -16.24
CA LEU B 240 -3.17 13.79 -16.20
C LEU B 240 -4.35 13.93 -17.16
N LEU B 241 -4.80 15.16 -17.39
CA LEU B 241 -5.91 15.40 -18.33
C LEU B 241 -5.49 15.29 -19.79
N SER B 242 -4.20 15.18 -20.09
CA SER B 242 -3.70 15.27 -21.46
C SER B 242 -3.33 13.89 -22.00
N ASP B 243 -3.11 13.84 -23.32
CA ASP B 243 -2.65 12.62 -23.96
C ASP B 243 -1.23 12.22 -23.55
N LEU B 244 -0.47 13.14 -22.95
CA LEU B 244 0.83 12.76 -22.39
C LEU B 244 0.67 11.64 -21.37
N ALA B 245 -0.48 11.59 -20.71
CA ALA B 245 -0.79 10.61 -19.68
C ALA B 245 -1.65 9.47 -20.18
N SER B 246 -1.63 9.20 -21.50
CA SER B 246 -2.56 8.19 -22.03
C SER B 246 -2.24 6.79 -21.53
N GLY B 247 -1.05 6.56 -20.98
CA GLY B 247 -0.79 5.28 -20.34
C GLY B 247 -1.22 5.18 -18.88
N VAL B 248 -1.80 6.23 -18.30
CA VAL B 248 -2.03 6.31 -16.85
C VAL B 248 -3.53 6.32 -16.57
N THR B 249 -3.99 5.34 -15.79
CA THR B 249 -5.37 5.35 -15.31
C THR B 249 -5.40 4.59 -14.00
N ALA B 250 -6.46 4.82 -13.21
CA ALA B 250 -6.67 4.19 -11.91
C ALA B 250 -5.59 4.58 -10.90
N GLU B 251 -4.88 5.67 -11.16
CA GLU B 251 -3.74 6.08 -10.36
C GLU B 251 -4.14 7.17 -9.37
N VAL B 252 -3.59 7.08 -8.16
CA VAL B 252 -3.62 8.17 -7.20
C VAL B 252 -2.20 8.72 -7.14
N MET B 253 -1.98 9.90 -7.70
CA MET B 253 -0.65 10.50 -7.77
C MET B 253 -0.47 11.50 -6.64
N HIS B 254 0.56 11.31 -5.81
CA HIS B 254 0.84 12.29 -4.77
C HIS B 254 1.53 13.50 -5.37
N VAL B 255 0.99 14.67 -5.07
CA VAL B 255 1.64 15.93 -5.43
C VAL B 255 1.73 16.70 -4.13
N ASP B 256 2.78 16.42 -3.34
CA ASP B 256 2.79 16.79 -1.93
C ASP B 256 4.21 16.96 -1.41
N SER B 257 5.15 17.28 -2.30
CA SER B 257 6.54 17.50 -1.93
C SER B 257 7.17 16.26 -1.31
N GLY B 258 6.57 15.09 -1.55
CA GLY B 258 7.04 13.82 -1.03
C GLY B 258 6.58 13.48 0.36
N PHE B 259 5.71 14.29 0.95
CA PHE B 259 5.38 14.13 2.37
C PHE B 259 4.82 12.74 2.68
N ASN B 260 4.01 12.18 1.77
CA ASN B 260 3.39 10.89 2.01
C ASN B 260 4.40 9.79 2.25
N ALA B 261 5.63 9.96 1.76
CA ALA B 261 6.60 8.89 1.70
C ALA B 261 7.52 8.83 2.93
N VAL B 262 7.36 9.72 3.90
CA VAL B 262 8.28 9.78 5.03
C VAL B 262 7.53 9.56 6.34
N VAL B 263 8.30 9.27 7.38
CA VAL B 263 7.87 9.39 8.77
C VAL B 263 8.56 10.62 9.32
N GLY B 264 7.85 11.75 9.37
CA GLY B 264 8.44 12.99 9.82
C GLY B 264 8.41 13.15 11.32
N GLY B 265 9.06 14.23 11.78
CA GLY B 265 9.05 14.61 13.18
C GLY B 265 10.06 13.91 14.06
N MET B 266 10.75 12.88 13.57
CA MET B 266 11.64 12.11 14.44
C MET B 266 13.09 12.55 14.35
N ALA B 267 13.44 13.44 13.44
CA ALA B 267 14.79 13.96 13.36
C ALA B 267 14.98 15.12 14.33
N MET C 9 -3.41 -27.44 26.92
CA MET C 9 -2.57 -27.65 25.75
C MET C 9 -2.32 -26.34 25.01
N GLY C 10 -1.05 -25.93 24.95
CA GLY C 10 -0.70 -24.72 24.23
C GLY C 10 -0.96 -24.86 22.74
N PHE C 11 -1.03 -23.72 22.05
CA PHE C 11 -1.42 -23.78 20.65
C PHE C 11 -0.23 -24.04 19.72
N LEU C 12 0.95 -24.31 20.26
CA LEU C 12 2.08 -24.82 19.49
C LEU C 12 2.51 -26.22 19.95
N ASP C 13 1.65 -26.91 20.69
CA ASP C 13 2.01 -28.21 21.27
C ASP C 13 2.54 -29.16 20.20
N GLY C 14 3.77 -29.63 20.38
CA GLY C 14 4.39 -30.59 19.49
C GLY C 14 5.20 -29.98 18.35
N LYS C 15 5.09 -28.68 18.12
CA LYS C 15 5.75 -28.03 17.01
C LYS C 15 7.25 -27.87 17.28
N ARG C 16 8.06 -28.21 16.27
CA ARG C 16 9.51 -28.12 16.37
C ARG C 16 9.98 -26.90 15.58
N ILE C 17 10.62 -25.96 16.27
CA ILE C 17 10.88 -24.61 15.73
C ILE C 17 12.36 -24.27 15.92
N LEU C 18 13.00 -23.84 14.83
CA LEU C 18 14.38 -23.37 14.86
C LEU C 18 14.40 -21.85 14.91
N LEU C 19 15.17 -21.29 15.85
CA LEU C 19 15.25 -19.84 16.00
C LEU C 19 16.68 -19.35 15.80
N THR C 20 16.83 -18.37 14.92
CA THR C 20 18.09 -17.67 14.73
C THR C 20 18.05 -16.35 15.50
N GLY C 21 19.24 -15.75 15.66
CA GLY C 21 19.33 -14.40 16.20
C GLY C 21 19.08 -14.25 17.69
N LEU C 22 19.11 -15.32 18.48
CA LEU C 22 18.97 -15.15 19.92
C LEU C 22 20.33 -14.78 20.49
N LEU C 23 20.52 -13.49 20.79
CA LEU C 23 21.73 -12.99 21.42
C LEU C 23 21.57 -12.62 22.88
N SER C 24 20.44 -12.04 23.28
CA SER C 24 20.25 -11.61 24.66
C SER C 24 18.80 -11.83 25.07
N ASN C 25 18.54 -11.66 26.36
CA ASN C 25 17.17 -11.79 26.85
C ASN C 25 16.33 -10.55 26.56
N ARG C 26 16.86 -9.60 25.79
CA ARG C 26 16.08 -8.50 25.24
C ARG C 26 15.86 -8.66 23.74
N SER C 27 16.42 -9.70 23.12
CA SER C 27 16.18 -9.97 21.70
C SER C 27 14.69 -10.14 21.43
N ILE C 28 14.26 -9.73 20.23
CA ILE C 28 12.92 -10.12 19.79
C ILE C 28 12.83 -11.64 19.74
N ALA C 29 13.91 -12.30 19.27
CA ALA C 29 13.94 -13.75 19.27
C ALA C 29 13.78 -14.35 20.67
N TYR C 30 14.22 -13.63 21.71
CA TYR C 30 13.97 -14.12 23.07
C TYR C 30 12.48 -14.11 23.38
N GLY C 31 11.80 -12.99 23.08
CA GLY C 31 10.37 -12.93 23.32
C GLY C 31 9.62 -14.00 22.54
N ILE C 32 10.00 -14.22 21.29
CA ILE C 32 9.38 -15.27 20.48
C ILE C 32 9.67 -16.64 21.10
N ALA C 33 10.92 -16.87 21.49
CA ALA C 33 11.27 -18.14 22.12
C ALA C 33 10.41 -18.40 23.35
N LYS C 34 10.28 -17.40 24.23
CA LYS C 34 9.49 -17.58 25.44
C LYS C 34 8.06 -17.93 25.12
N ALA C 35 7.46 -17.21 24.16
CA ALA C 35 6.05 -17.46 23.85
C ALA C 35 5.86 -18.83 23.21
N CYS C 36 6.78 -19.24 22.33
CA CYS C 36 6.67 -20.56 21.71
C CYS C 36 6.82 -21.67 22.74
N LYS C 37 7.78 -21.54 23.67
CA LYS C 37 7.94 -22.56 24.69
C LYS C 37 6.73 -22.59 25.62
N ARG C 38 6.16 -21.42 25.94
CA ARG C 38 4.96 -21.36 26.74
C ARG C 38 3.82 -22.15 26.11
N GLU C 39 3.71 -22.10 24.78
CA GLU C 39 2.63 -22.76 24.07
C GLU C 39 2.97 -24.17 23.62
N GLY C 40 4.05 -24.75 24.12
CA GLY C 40 4.30 -26.17 23.98
C GLY C 40 5.22 -26.59 22.87
N ALA C 41 5.95 -25.66 22.25
CA ALA C 41 6.85 -25.98 21.16
C ALA C 41 8.18 -26.53 21.68
N GLU C 42 8.86 -27.29 20.84
CA GLU C 42 10.22 -27.75 21.10
C GLU C 42 11.15 -26.90 20.26
N LEU C 43 12.17 -26.34 20.89
CA LEU C 43 13.00 -25.33 20.23
C LEU C 43 14.40 -25.84 19.94
N ALA C 44 15.01 -25.25 18.92
CA ALA C 44 16.42 -25.40 18.58
C ALA C 44 16.92 -24.01 18.22
N PHE C 45 18.25 -23.81 18.28
CA PHE C 45 18.82 -22.48 18.16
C PHE C 45 20.10 -22.50 17.35
N THR C 46 20.37 -21.38 16.67
CA THR C 46 21.65 -21.16 16.00
C THR C 46 22.46 -20.12 16.76
N TYR C 47 23.76 -20.08 16.45
CA TYR C 47 24.66 -19.09 17.00
C TYR C 47 25.74 -18.81 15.96
N VAL C 48 26.43 -17.69 16.14
CA VAL C 48 27.50 -17.26 15.23
C VAL C 48 28.80 -17.25 16.02
N GLY C 49 29.74 -18.09 15.60
CA GLY C 49 31.07 -18.10 16.20
C GLY C 49 31.19 -19.00 17.41
N ASP C 50 32.32 -19.71 17.52
CA ASP C 50 32.53 -20.62 18.65
C ASP C 50 32.51 -19.91 20.00
N ARG C 51 32.81 -18.61 20.04
CA ARG C 51 32.82 -17.89 21.31
C ARG C 51 31.43 -17.82 21.93
N PHE C 52 30.37 -17.85 21.12
CA PHE C 52 29.01 -17.75 21.62
C PHE C 52 28.35 -19.10 21.86
N LYS C 53 29.08 -20.21 21.68
CA LYS C 53 28.47 -21.52 21.90
C LYS C 53 27.97 -21.66 23.34
N ASP C 54 28.74 -21.19 24.32
CA ASP C 54 28.34 -21.32 25.71
C ASP C 54 27.09 -20.49 26.00
N ARG C 55 27.06 -19.24 25.53
CA ARG C 55 25.92 -18.38 25.81
C ARG C 55 24.64 -18.95 25.20
N ILE C 56 24.71 -19.45 23.96
CA ILE C 56 23.49 -19.98 23.34
C ILE C 56 23.10 -21.31 23.97
N THR C 57 24.08 -22.09 24.44
CA THR C 57 23.77 -23.33 25.13
C THR C 57 23.01 -23.05 26.43
N GLU C 58 23.38 -21.97 27.12
CA GLU C 58 22.66 -21.56 28.32
C GLU C 58 21.21 -21.21 27.99
N PHE C 59 21.01 -20.45 26.92
CA PHE C 59 19.65 -20.07 26.52
C PHE C 59 18.82 -21.27 26.13
N ALA C 60 19.40 -22.18 25.35
CA ALA C 60 18.67 -23.39 25.00
C ALA C 60 18.26 -24.15 26.24
N ALA C 61 19.15 -24.24 27.23
CA ALA C 61 18.83 -24.89 28.49
C ALA C 61 17.64 -24.22 29.17
N GLU C 62 17.61 -22.89 29.15
CA GLU C 62 16.47 -22.17 29.70
C GLU C 62 15.17 -22.64 29.08
N PHE C 63 15.19 -22.96 27.78
CA PHE C 63 14.00 -23.42 27.07
C PHE C 63 13.95 -24.94 26.91
N GLY C 64 14.68 -25.67 27.75
CA GLY C 64 14.58 -27.12 27.76
C GLY C 64 15.15 -27.79 26.53
N SER C 65 16.10 -27.16 25.86
CA SER C 65 16.67 -27.69 24.63
C SER C 65 18.17 -27.89 24.77
N GLU C 66 18.68 -28.93 24.11
CA GLU C 66 20.10 -29.15 23.94
C GLU C 66 20.52 -29.04 22.49
N LEU C 67 19.67 -28.48 21.63
CA LEU C 67 19.93 -28.42 20.20
C LEU C 67 20.40 -27.02 19.86
N VAL C 68 21.71 -26.85 19.71
CA VAL C 68 22.31 -25.59 19.26
C VAL C 68 23.28 -25.89 18.13
N PHE C 69 23.32 -25.01 17.13
CA PHE C 69 24.10 -25.24 15.91
C PHE C 69 24.73 -23.94 15.42
N PRO C 70 25.97 -23.99 14.95
CA PRO C 70 26.58 -22.77 14.39
C PRO C 70 26.04 -22.49 13.00
N CYS C 71 25.83 -21.20 12.71
CA CYS C 71 25.41 -20.81 11.37
C CYS C 71 25.69 -19.33 11.17
N ASP C 72 26.82 -19.03 10.52
CA ASP C 72 27.08 -17.70 9.97
C ASP C 72 26.44 -17.67 8.58
N VAL C 73 25.37 -16.87 8.41
CA VAL C 73 24.61 -16.90 7.16
C VAL C 73 25.40 -16.25 6.03
N ALA C 74 26.58 -15.69 6.34
CA ALA C 74 27.48 -15.25 5.28
C ALA C 74 28.13 -16.40 4.54
N ASP C 75 27.95 -17.65 5.01
CA ASP C 75 28.73 -18.80 4.56
C ASP C 75 27.77 -19.89 4.07
N ASP C 76 27.83 -20.18 2.76
CA ASP C 76 26.95 -21.19 2.18
C ASP C 76 27.08 -22.54 2.90
N ALA C 77 28.32 -22.96 3.19
CA ALA C 77 28.55 -24.27 3.79
C ALA C 77 27.88 -24.39 5.14
N GLN C 78 27.89 -23.32 5.94
CA GLN C 78 27.29 -23.40 7.27
C GLN C 78 25.78 -23.46 7.18
N ILE C 79 25.19 -22.81 6.19
CA ILE C 79 23.74 -22.89 6.00
C ILE C 79 23.34 -24.32 5.65
N ASP C 80 24.05 -24.94 4.70
CA ASP C 80 23.76 -26.33 4.37
C ASP C 80 24.02 -27.26 5.55
N ALA C 81 25.15 -27.06 6.26
CA ALA C 81 25.50 -27.94 7.37
C ALA C 81 24.55 -27.78 8.55
N LEU C 82 23.91 -26.62 8.70
CA LEU C 82 22.92 -26.43 9.75
C LEU C 82 21.80 -27.44 9.64
N PHE C 83 21.21 -27.57 8.45
CA PHE C 83 20.06 -28.46 8.32
C PHE C 83 20.47 -29.92 8.18
N ALA C 84 21.67 -30.19 7.67
CA ALA C 84 22.18 -31.56 7.74
C ALA C 84 22.29 -32.02 9.19
N SER C 85 22.77 -31.14 10.08
CA SER C 85 22.89 -31.51 11.49
C SER C 85 21.53 -31.63 12.14
N LEU C 86 20.64 -30.65 11.92
CA LEU C 86 19.34 -30.68 12.56
C LEU C 86 18.55 -31.91 12.14
N LYS C 87 18.74 -32.38 10.90
CA LYS C 87 18.01 -33.53 10.39
C LYS C 87 18.31 -34.81 11.16
N THR C 88 19.47 -34.91 11.80
CA THR C 88 19.74 -36.10 12.61
C THR C 88 19.00 -36.09 13.94
N HIS C 89 18.41 -34.97 14.33
CA HIS C 89 17.61 -34.88 15.55
C HIS C 89 16.12 -34.84 15.29
N TRP C 90 15.71 -34.10 14.26
CA TRP C 90 14.30 -33.91 13.91
C TRP C 90 14.06 -34.44 12.51
N ASP C 91 13.07 -35.32 12.35
CA ASP C 91 12.71 -35.77 11.02
C ASP C 91 12.17 -34.62 10.18
N SER C 92 11.44 -33.70 10.80
CA SER C 92 10.85 -32.59 10.06
C SER C 92 10.88 -31.33 10.90
N LEU C 93 10.90 -30.18 10.23
CA LEU C 93 10.96 -28.88 10.85
C LEU C 93 9.62 -28.18 10.64
N ASP C 94 9.02 -27.69 11.73
CA ASP C 94 7.71 -27.04 11.64
C ASP C 94 7.78 -25.52 11.62
N GLY C 95 8.86 -24.93 12.08
CA GLY C 95 8.94 -23.47 12.12
C GLY C 95 10.36 -23.00 12.01
N LEU C 96 10.52 -21.79 11.44
CA LEU C 96 11.82 -21.15 11.33
C LEU C 96 11.64 -19.68 11.65
N VAL C 97 12.43 -19.16 12.57
CA VAL C 97 12.38 -17.75 12.92
C VAL C 97 13.67 -17.11 12.48
N HIS C 98 13.57 -16.17 11.54
CA HIS C 98 14.70 -15.44 10.96
C HIS C 98 14.74 -14.08 11.66
N SER C 99 15.70 -13.93 12.58
CA SER C 99 15.86 -12.70 13.35
C SER C 99 17.30 -12.23 13.21
N ILE C 100 17.70 -11.98 11.97
CA ILE C 100 19.06 -11.71 11.56
C ILE C 100 19.07 -10.43 10.74
N GLY C 101 19.94 -9.50 11.10
CA GLY C 101 20.09 -8.29 10.30
C GLY C 101 21.37 -7.60 10.67
N PHE C 102 22.00 -6.94 9.68
CA PHE C 102 23.23 -6.22 9.95
C PHE C 102 23.55 -5.30 8.79
N ALA C 103 24.03 -4.11 9.10
CA ALA C 103 24.67 -3.22 8.16
C ALA C 103 25.81 -2.52 8.87
N PRO C 104 26.90 -2.22 8.17
CA PRO C 104 27.97 -1.41 8.77
C PRO C 104 27.40 -0.13 9.36
N ARG C 105 27.99 0.29 10.48
CA ARG C 105 27.44 1.39 11.28
C ARG C 105 27.14 2.63 10.44
N GLU C 106 28.09 3.03 9.58
CA GLU C 106 27.92 4.27 8.83
C GLU C 106 26.75 4.20 7.85
N ALA C 107 26.32 2.99 7.49
CA ALA C 107 25.22 2.82 6.55
C ALA C 107 23.84 2.92 7.21
N ILE C 108 23.78 3.00 8.53
CA ILE C 108 22.53 3.15 9.25
C ILE C 108 22.63 4.32 10.23
N ALA C 109 23.41 5.33 9.86
CA ALA C 109 23.51 6.56 10.64
C ALA C 109 23.74 7.73 9.69
N GLY C 110 23.24 8.89 10.08
CA GLY C 110 23.53 10.11 9.33
C GLY C 110 22.78 10.15 8.00
N ASP C 111 23.40 10.82 7.03
CA ASP C 111 22.82 10.95 5.70
C ASP C 111 22.90 9.63 4.94
N PHE C 112 21.86 9.35 4.16
CA PHE C 112 21.79 8.11 3.39
C PHE C 112 22.96 7.97 2.42
N LEU C 113 23.27 9.04 1.67
CA LEU C 113 24.34 8.94 0.69
C LEU C 113 25.72 8.92 1.35
N ASP C 114 25.90 9.68 2.44
CA ASP C 114 27.20 9.67 3.12
C ASP C 114 27.64 8.27 3.50
N GLY C 115 26.71 7.42 3.91
CA GLY C 115 27.04 6.07 4.32
C GLY C 115 26.91 5.03 3.24
N LEU C 116 26.60 5.44 2.01
CA LEU C 116 26.39 4.51 0.92
C LEU C 116 27.73 4.17 0.28
N THR C 117 28.09 2.88 0.29
CA THR C 117 29.16 2.34 -0.54
C THR C 117 28.68 1.01 -1.10
N ARG C 118 29.34 0.54 -2.17
CA ARG C 118 28.93 -0.72 -2.76
C ARG C 118 29.05 -1.87 -1.76
N GLU C 119 30.13 -1.89 -0.97
CA GLU C 119 30.32 -2.97 0.00
C GLU C 119 29.33 -2.87 1.16
N ASN C 120 29.06 -1.65 1.66
CA ASN C 120 28.03 -1.51 2.69
C ASN C 120 26.68 -2.00 2.19
N PHE C 121 26.31 -1.61 0.97
CA PHE C 121 25.08 -2.09 0.36
C PHE C 121 25.10 -3.62 0.27
N ARG C 122 26.20 -4.19 -0.22
CA ARG C 122 26.27 -5.63 -0.44
C ARG C 122 26.06 -6.38 0.86
N ILE C 123 26.80 -5.99 1.90
CA ILE C 123 26.72 -6.70 3.19
C ILE C 123 25.32 -6.60 3.76
N ALA C 124 24.74 -5.41 3.76
CA ALA C 124 23.41 -5.24 4.34
C ALA C 124 22.39 -6.13 3.64
N HIS C 125 22.44 -6.22 2.32
CA HIS C 125 21.46 -7.03 1.61
C HIS C 125 21.77 -8.52 1.70
N ASP C 126 23.05 -8.88 1.72
CA ASP C 126 23.44 -10.27 1.90
C ASP C 126 22.95 -10.81 3.24
N ILE C 127 23.23 -10.09 4.32
CA ILE C 127 22.95 -10.60 5.65
C ILE C 127 21.48 -10.44 6.00
N SER C 128 20.90 -9.30 5.65
CA SER C 128 19.59 -8.95 6.15
C SER C 128 18.45 -9.39 5.26
N ALA C 129 18.71 -9.63 3.96
CA ALA C 129 17.67 -10.04 3.04
C ALA C 129 17.93 -11.42 2.45
N TYR C 130 19.07 -11.62 1.77
CA TYR C 130 19.31 -12.90 1.10
C TYR C 130 19.24 -14.08 2.06
N SER C 131 19.67 -13.91 3.32
CA SER C 131 19.78 -15.02 4.25
C SER C 131 18.42 -15.67 4.54
N PHE C 132 17.31 -14.91 4.45
CA PHE C 132 16.01 -15.53 4.76
C PHE C 132 15.62 -16.55 3.68
N PRO C 133 15.51 -16.20 2.40
CA PRO C 133 15.22 -17.26 1.40
C PRO C 133 16.34 -18.28 1.29
N ALA C 134 17.58 -17.91 1.62
CA ALA C 134 18.66 -18.89 1.61
C ALA C 134 18.44 -19.97 2.67
N LEU C 135 18.05 -19.57 3.89
CA LEU C 135 17.73 -20.55 4.92
C LEU C 135 16.51 -21.38 4.54
N ALA C 136 15.49 -20.73 3.96
CA ALA C 136 14.29 -21.45 3.54
C ALA C 136 14.64 -22.51 2.49
N LYS C 137 15.50 -22.17 1.54
CA LYS C 137 15.88 -23.13 0.51
C LYS C 137 16.63 -24.31 1.11
N ALA C 138 17.53 -24.06 2.07
CA ALA C 138 18.29 -25.15 2.67
C ALA C 138 17.42 -26.01 3.59
N ALA C 139 16.37 -25.42 4.17
CA ALA C 139 15.47 -26.14 5.06
C ALA C 139 14.43 -26.96 4.32
N LEU C 140 14.12 -26.59 3.08
CA LEU C 140 12.97 -27.16 2.36
C LEU C 140 12.90 -28.68 2.39
N PRO C 141 13.99 -29.44 2.19
CA PRO C 141 13.87 -30.90 2.17
C PRO C 141 13.34 -31.51 3.45
N MET C 142 13.41 -30.80 4.59
CA MET C 142 12.89 -31.32 5.85
C MET C 142 11.74 -30.50 6.42
N LEU C 143 11.26 -29.49 5.70
CA LEU C 143 10.07 -28.77 6.18
C LEU C 143 8.85 -29.67 6.15
N SER C 144 8.05 -29.61 7.21
CA SER C 144 6.72 -30.24 7.15
CA SER C 144 6.72 -30.21 7.17
C SER C 144 5.82 -29.45 6.21
N ASP C 145 4.79 -30.14 5.69
CA ASP C 145 3.85 -29.49 4.78
C ASP C 145 3.08 -28.35 5.45
N ASP C 146 3.02 -28.33 6.78
CA ASP C 146 2.36 -27.28 7.53
C ASP C 146 3.33 -26.27 8.13
N ALA C 147 4.57 -26.24 7.66
CA ALA C 147 5.56 -25.41 8.31
C ALA C 147 5.25 -23.93 8.13
N SER C 148 5.81 -23.11 9.02
CA SER C 148 5.62 -21.67 9.00
C SER C 148 6.98 -20.99 9.13
N LEU C 149 7.30 -20.09 8.21
CA LEU C 149 8.57 -19.36 8.23
C LEU C 149 8.29 -17.89 8.55
N LEU C 150 9.04 -17.34 9.52
CA LEU C 150 8.79 -16.00 10.03
C LEU C 150 10.07 -15.18 10.02
N THR C 151 9.99 -13.96 9.50
CA THR C 151 11.09 -13.01 9.57
C THR C 151 10.61 -11.71 10.20
N LEU C 152 11.55 -10.81 10.47
CA LEU C 152 11.30 -9.57 11.20
C LEU C 152 11.71 -8.38 10.34
N SER C 153 10.81 -7.40 10.20
CA SER C 153 11.11 -6.21 9.39
C SER C 153 10.78 -4.95 10.18
N TYR C 154 10.82 -3.80 9.52
CA TYR C 154 10.62 -2.52 10.20
C TYR C 154 10.02 -1.53 9.22
N LEU C 155 9.26 -0.57 9.76
CA LEU C 155 8.56 0.43 8.95
C LEU C 155 9.47 1.16 7.96
N GLY C 156 10.78 1.24 8.25
CA GLY C 156 11.70 1.88 7.31
C GLY C 156 11.76 1.23 5.94
N ALA C 157 11.23 0.02 5.79
CA ALA C 157 11.10 -0.59 4.47
C ALA C 157 10.04 0.12 3.63
N GLU C 158 8.97 0.62 4.27
CA GLU C 158 7.81 1.15 3.58
C GLU C 158 7.89 2.67 3.39
N ARG C 159 8.45 3.38 4.36
CA ARG C 159 8.60 4.82 4.28
C ARG C 159 9.99 5.22 4.78
N ALA C 160 10.44 6.38 4.35
CA ALA C 160 11.79 6.82 4.75
C ALA C 160 11.79 7.28 6.20
N ILE C 161 12.62 6.64 7.02
CA ILE C 161 12.77 6.93 8.44
C ILE C 161 14.18 7.42 8.68
N PRO C 162 14.38 8.48 9.46
CA PRO C 162 15.74 9.02 9.65
C PRO C 162 16.74 7.96 10.11
N ASN C 163 17.92 7.97 9.48
CA ASN C 163 19.07 7.13 9.80
C ASN C 163 18.93 5.66 9.39
N TYR C 164 17.72 5.18 9.10
CA TYR C 164 17.58 3.77 8.78
C TYR C 164 18.24 3.43 7.44
N ASN C 165 18.15 4.36 6.47
CA ASN C 165 18.99 4.42 5.29
C ASN C 165 19.13 3.07 4.56
N THR C 166 20.36 2.53 4.45
CA THR C 166 20.56 1.34 3.63
C THR C 166 19.77 0.13 4.15
N MET C 167 19.53 0.07 5.47
CA MET C 167 18.70 -1.03 5.97
C MET C 167 17.27 -0.93 5.48
N GLY C 168 16.79 0.27 5.17
CA GLY C 168 15.47 0.39 4.59
C GLY C 168 15.36 -0.31 3.26
N LEU C 169 16.42 -0.20 2.44
CA LEU C 169 16.47 -0.91 1.16
C LEU C 169 16.48 -2.42 1.37
N ALA C 170 17.33 -2.90 2.28
CA ALA C 170 17.43 -4.34 2.50
C ALA C 170 16.12 -4.90 3.05
N LYS C 171 15.47 -4.17 3.97
CA LYS C 171 14.20 -4.68 4.50
C LYS C 171 13.10 -4.69 3.45
N ALA C 172 13.13 -3.76 2.50
CA ALA C 172 12.16 -3.81 1.41
C ALA C 172 12.35 -5.05 0.55
N ALA C 173 13.61 -5.37 0.23
CA ALA C 173 13.89 -6.63 -0.45
C ALA C 173 13.45 -7.82 0.39
N LEU C 174 13.70 -7.76 1.71
CA LEU C 174 13.27 -8.84 2.59
C LEU C 174 11.76 -9.05 2.54
N GLU C 175 10.98 -7.96 2.61
CA GLU C 175 9.54 -8.11 2.56
C GLU C 175 9.09 -8.62 1.19
N ALA C 176 9.77 -8.25 0.11
CA ALA C 176 9.47 -8.86 -1.17
C ALA C 176 9.77 -10.36 -1.16
N SER C 177 10.87 -10.77 -0.51
CA SER C 177 11.19 -12.19 -0.49
C SER C 177 10.11 -12.98 0.25
N VAL C 178 9.41 -12.35 1.20
CA VAL C 178 8.30 -13.01 1.88
C VAL C 178 7.23 -13.41 0.87
N ARG C 179 6.93 -12.50 -0.07
CA ARG C 179 5.88 -12.81 -1.06
C ARG C 179 6.35 -13.87 -2.06
N TYR C 180 7.58 -13.77 -2.56
CA TYR C 180 8.03 -14.77 -3.52
C TYR C 180 8.23 -16.14 -2.84
N LEU C 181 8.71 -16.15 -1.60
CA LEU C 181 8.80 -17.41 -0.85
C LEU C 181 7.42 -18.02 -0.66
N ALA C 182 6.42 -17.21 -0.29
CA ALA C 182 5.08 -17.75 -0.07
C ALA C 182 4.54 -18.44 -1.31
N VAL C 183 4.82 -17.89 -2.49
CA VAL C 183 4.40 -18.53 -3.74
C VAL C 183 5.18 -19.81 -3.96
N SER C 184 6.50 -19.73 -3.81
CA SER C 184 7.35 -20.88 -4.12
C SER C 184 7.04 -22.07 -3.22
N LEU C 185 6.73 -21.81 -1.94
CA LEU C 185 6.55 -22.85 -0.94
C LEU C 185 5.09 -23.18 -0.64
N GLY C 186 4.13 -22.38 -1.14
CA GLY C 186 2.77 -22.49 -0.65
C GLY C 186 1.98 -23.69 -1.15
N ALA C 187 2.31 -24.19 -2.35
CA ALA C 187 1.59 -25.34 -2.87
C ALA C 187 1.80 -26.55 -1.98
N LYS C 188 3.01 -26.69 -1.41
CA LYS C 188 3.29 -27.71 -0.42
C LYS C 188 2.46 -27.50 0.84
N GLY C 189 2.12 -26.25 1.14
CA GLY C 189 1.38 -25.90 2.34
C GLY C 189 2.14 -25.00 3.29
N VAL C 190 3.38 -24.66 2.97
CA VAL C 190 4.23 -23.89 3.87
C VAL C 190 3.83 -22.43 3.82
N ARG C 191 3.80 -21.77 4.99
CA ARG C 191 3.43 -20.37 5.08
C ARG C 191 4.68 -19.53 5.38
N VAL C 192 4.66 -18.29 4.91
CA VAL C 192 5.80 -17.38 5.05
C VAL C 192 5.27 -15.98 5.33
N ASN C 193 5.74 -15.39 6.43
CA ASN C 193 5.23 -14.08 6.87
C ASN C 193 6.37 -13.31 7.52
N ALA C 194 6.13 -12.01 7.70
CA ALA C 194 7.02 -11.14 8.45
C ALA C 194 6.21 -10.40 9.50
N ILE C 195 6.86 -10.04 10.59
CA ILE C 195 6.33 -9.07 11.54
C ILE C 195 7.11 -7.79 11.36
N SER C 196 6.42 -6.69 11.11
CA SER C 196 7.03 -5.38 11.07
C SER C 196 6.92 -4.84 12.49
N ALA C 197 7.98 -4.99 13.28
CA ALA C 197 7.93 -4.63 14.69
C ALA C 197 8.29 -3.15 14.89
N GLY C 198 7.67 -2.53 15.89
CA GLY C 198 8.10 -1.22 16.34
C GLY C 198 9.43 -1.31 17.06
N PRO C 199 10.03 -0.17 17.38
CA PRO C 199 11.28 -0.19 18.13
C PRO C 199 11.09 -0.68 19.55
N ILE C 200 12.14 -1.30 20.09
CA ILE C 200 12.12 -1.96 21.40
C ILE C 200 13.03 -1.17 22.34
N LYS C 201 12.48 -0.70 23.46
CA LYS C 201 13.22 0.14 24.39
C LYS C 201 14.12 -0.72 25.27
N THR C 202 15.43 -0.47 25.22
CA THR C 202 16.40 -1.10 26.11
C THR C 202 17.32 -0.03 26.69
N LEU C 203 18.34 -0.45 27.44
CA LEU C 203 19.32 0.50 27.97
C LEU C 203 20.37 0.81 26.91
N GLY C 207 20.04 4.72 25.08
CA GLY C 207 21.18 4.47 24.21
C GLY C 207 21.49 5.61 23.27
N ILE C 208 21.45 5.34 21.97
CA ILE C 208 21.72 6.38 20.98
C ILE C 208 20.69 7.48 21.11
N LYS C 209 21.18 8.74 21.09
CA LYS C 209 20.27 9.88 21.22
C LYS C 209 19.21 9.87 20.13
N SER C 210 19.58 9.44 18.93
CA SER C 210 18.61 9.37 17.83
C SER C 210 17.58 8.28 18.06
N PHE C 211 17.99 7.16 18.66
CA PHE C 211 17.06 6.07 18.93
C PHE C 211 16.12 6.40 20.09
N GLY C 212 16.64 7.08 21.12
CA GLY C 212 15.77 7.55 22.19
C GLY C 212 14.72 8.53 21.69
N LYS C 213 15.09 9.37 20.71
CA LYS C 213 14.11 10.29 20.13
C LYS C 213 13.01 9.53 19.40
N ILE C 214 13.36 8.43 18.74
CA ILE C 214 12.35 7.64 18.05
C ILE C 214 11.42 6.97 19.07
N LEU C 215 11.98 6.45 20.16
CA LEU C 215 11.17 5.80 21.18
C LEU C 215 10.20 6.78 21.82
N ASP C 216 10.67 7.98 22.14
CA ASP C 216 9.78 9.02 22.67
C ASP C 216 8.70 9.38 21.67
N PHE C 217 9.08 9.52 20.39
CA PHE C 217 8.12 9.94 19.38
C PHE C 217 7.05 8.88 19.17
N VAL C 218 7.43 7.60 19.18
CA VAL C 218 6.44 6.53 19.00
C VAL C 218 5.49 6.48 20.20
N GLU C 219 6.04 6.63 21.41
CA GLU C 219 5.20 6.66 22.60
C GLU C 219 4.23 7.84 22.56
N SER C 220 4.66 8.99 22.02
CA SER C 220 3.79 10.14 21.98
C SER C 220 2.77 10.06 20.85
N ASN C 221 3.11 9.43 19.73
CA ASN C 221 2.30 9.55 18.53
C ASN C 221 1.60 8.27 18.10
N SER C 222 1.99 7.10 18.61
CA SER C 222 1.29 5.88 18.22
C SER C 222 -0.15 5.88 18.76
N PRO C 223 -1.07 5.21 18.07
CA PRO C 223 -2.46 5.16 18.59
C PRO C 223 -2.56 4.69 20.04
N LEU C 224 -1.82 3.64 20.42
CA LEU C 224 -1.87 3.12 21.79
C LEU C 224 -0.97 3.90 22.75
N LYS C 225 -0.23 4.89 22.26
CA LYS C 225 0.56 5.78 23.11
C LYS C 225 1.56 5.00 23.96
N ARG C 226 2.23 4.02 23.35
CA ARG C 226 3.17 3.20 24.09
C ARG C 226 4.03 2.43 23.10
N ASN C 227 5.25 2.12 23.49
CA ASN C 227 6.08 1.27 22.64
C ASN C 227 5.71 -0.19 22.85
N VAL C 228 5.97 -1.01 21.82
CA VAL C 228 5.71 -2.45 21.97
C VAL C 228 6.83 -3.10 22.78
N THR C 229 6.53 -4.26 23.33
CA THR C 229 7.46 -5.08 24.10
C THR C 229 7.81 -6.36 23.33
N ILE C 230 8.90 -7.01 23.75
CA ILE C 230 9.23 -8.28 23.11
C ILE C 230 8.20 -9.35 23.45
N GLU C 231 7.46 -9.18 24.54
CA GLU C 231 6.37 -10.10 24.83
C GLU C 231 5.26 -9.97 23.79
N GLN C 232 4.93 -8.72 23.41
CA GLN C 232 3.89 -8.51 22.42
C GLN C 232 4.31 -8.98 21.04
N VAL C 233 5.56 -8.70 20.64
CA VAL C 233 6.04 -9.22 19.36
C VAL C 233 6.12 -10.73 19.40
N GLY C 234 6.57 -11.27 20.54
CA GLY C 234 6.71 -12.72 20.65
C GLY C 234 5.37 -13.45 20.55
N ASN C 235 4.33 -12.91 21.18
CA ASN C 235 3.01 -13.52 21.09
C ASN C 235 2.47 -13.49 19.67
N ALA C 236 2.67 -12.38 18.96
CA ALA C 236 2.26 -12.33 17.57
C ALA C 236 3.08 -13.33 16.74
N GLY C 237 4.37 -13.48 17.07
CA GLY C 237 5.18 -14.44 16.36
C GLY C 237 4.72 -15.87 16.59
N ALA C 238 4.45 -16.20 17.86
CA ALA C 238 3.92 -17.52 18.17
C ALA C 238 2.63 -17.79 17.40
N PHE C 239 1.75 -16.80 17.32
CA PHE C 239 0.52 -16.95 16.54
C PHE C 239 0.81 -17.29 15.09
N LEU C 240 1.67 -16.51 14.43
CA LEU C 240 1.94 -16.75 13.01
C LEU C 240 2.62 -18.09 12.78
N LEU C 241 3.41 -18.57 13.74
CA LEU C 241 4.05 -19.87 13.62
C LEU C 241 3.06 -21.01 13.85
N SER C 242 1.86 -20.74 14.35
CA SER C 242 0.92 -21.77 14.78
C SER C 242 -0.14 -22.06 13.72
N ASP C 243 -0.85 -23.18 13.94
CA ASP C 243 -2.00 -23.53 13.11
C ASP C 243 -3.17 -22.57 13.29
N LEU C 244 -3.17 -21.73 14.33
CA LEU C 244 -4.17 -20.67 14.43
C LEU C 244 -4.12 -19.74 13.23
N ALA C 245 -2.93 -19.60 12.63
CA ALA C 245 -2.70 -18.72 11.50
C ALA C 245 -2.61 -19.46 10.17
N SER C 246 -3.25 -20.63 10.07
CA SER C 246 -3.14 -21.43 8.85
CA SER C 246 -3.16 -21.43 8.85
C SER C 246 -3.74 -20.73 7.63
N GLY C 247 -4.56 -19.70 7.83
CA GLY C 247 -5.04 -18.93 6.69
C GLY C 247 -4.15 -17.76 6.28
N VAL C 248 -3.02 -17.55 6.95
CA VAL C 248 -2.22 -16.33 6.81
C VAL C 248 -0.88 -16.67 6.17
N THR C 249 -0.63 -16.11 4.99
CA THR C 249 0.67 -16.23 4.37
C THR C 249 0.91 -15.01 3.50
N ALA C 250 2.19 -14.75 3.22
CA ALA C 250 2.64 -13.62 2.41
C ALA C 250 2.32 -12.27 3.06
N GLU C 251 2.09 -12.28 4.37
CA GLU C 251 1.63 -11.12 5.11
C GLU C 251 2.79 -10.45 5.82
N VAL C 252 2.78 -9.11 5.83
CA VAL C 252 3.67 -8.34 6.70
C VAL C 252 2.78 -7.71 7.76
N MET C 253 2.81 -8.28 8.96
CA MET C 253 1.90 -7.88 10.05
C MET C 253 2.61 -6.85 10.93
N HIS C 254 2.01 -5.67 11.07
CA HIS C 254 2.60 -4.65 11.95
C HIS C 254 2.28 -4.97 13.39
N VAL C 255 3.31 -5.03 14.23
CA VAL C 255 3.15 -5.16 15.68
C VAL C 255 3.91 -3.98 16.25
N ASP C 256 3.22 -2.84 16.37
CA ASP C 256 3.92 -1.56 16.53
C ASP C 256 3.03 -0.52 17.20
N SER C 257 2.03 -0.94 17.98
CA SER C 257 1.09 -0.05 18.66
C SER C 257 0.32 0.83 17.69
N GLY C 258 0.26 0.42 16.42
CA GLY C 258 -0.44 1.16 15.39
C GLY C 258 0.33 2.29 14.73
N PHE C 259 1.61 2.45 15.06
CA PHE C 259 2.37 3.63 14.62
C PHE C 259 2.39 3.77 13.09
N ASN C 260 2.50 2.65 12.37
CA ASN C 260 2.58 2.70 10.91
C ASN C 260 1.36 3.38 10.28
N ALA C 261 0.22 3.38 10.96
CA ALA C 261 -1.05 3.79 10.35
C ALA C 261 -1.38 5.26 10.53
N VAL C 262 -0.50 6.06 11.14
CA VAL C 262 -0.79 7.46 11.39
C VAL C 262 0.25 8.33 10.70
N VAL C 263 -0.08 9.61 10.55
CA VAL C 263 0.88 10.67 10.33
C VAL C 263 1.08 11.35 11.68
N GLY C 264 2.17 11.03 12.36
CA GLY C 264 2.35 11.54 13.70
C GLY C 264 3.10 12.87 13.73
N GLY C 265 2.94 13.57 14.85
CA GLY C 265 3.73 14.75 15.12
C GLY C 265 3.05 16.07 14.86
N MET C 266 1.78 16.07 14.42
CA MET C 266 1.11 17.31 14.04
C MET C 266 0.05 17.76 15.04
N MET D 9 9.31 27.11 -25.57
CA MET D 9 8.56 26.18 -26.40
C MET D 9 8.17 24.93 -25.61
N GLY D 10 8.91 23.82 -25.80
CA GLY D 10 8.60 22.59 -25.09
C GLY D 10 8.87 22.70 -23.60
N PHE D 11 8.30 21.77 -22.83
CA PHE D 11 8.32 21.93 -21.37
C PHE D 11 9.59 21.40 -20.73
N LEU D 12 10.59 20.99 -21.53
CA LEU D 12 11.92 20.68 -21.04
C LEU D 12 12.98 21.60 -21.66
N ASP D 13 12.58 22.79 -22.09
CA ASP D 13 13.49 23.63 -22.85
C ASP D 13 14.75 23.97 -22.06
N GLY D 14 15.91 23.67 -22.64
CA GLY D 14 17.17 23.97 -22.02
C GLY D 14 17.63 23.00 -20.97
N LYS D 15 16.79 22.04 -20.57
CA LYS D 15 17.20 21.05 -19.57
C LYS D 15 18.22 20.10 -20.16
N ARG D 16 19.25 19.78 -19.38
CA ARG D 16 20.30 18.86 -19.80
C ARG D 16 20.16 17.58 -19.01
N ILE D 17 19.94 16.47 -19.73
CA ILE D 17 19.50 15.20 -19.17
C ILE D 17 20.43 14.10 -19.64
N LEU D 18 20.93 13.30 -18.71
CA LEU D 18 21.77 12.13 -19.01
C LEU D 18 20.92 10.86 -18.91
N LEU D 19 20.93 10.05 -19.96
CA LEU D 19 20.13 8.83 -20.01
C LEU D 19 21.02 7.60 -20.07
N THR D 20 20.76 6.65 -19.19
CA THR D 20 21.39 5.34 -19.23
C THR D 20 20.47 4.35 -19.92
N GLY D 21 21.02 3.20 -20.30
CA GLY D 21 20.22 2.08 -20.68
C GLY D 21 19.62 2.11 -22.07
N LEU D 22 20.14 2.94 -22.97
CA LEU D 22 19.65 2.96 -24.34
C LEU D 22 20.42 1.91 -25.15
N LEU D 23 19.72 0.85 -25.52
CA LEU D 23 20.30 -0.25 -26.27
C LEU D 23 19.71 -0.41 -27.66
N SER D 24 18.45 -0.05 -27.86
CA SER D 24 17.81 -0.14 -29.16
C SER D 24 16.67 0.87 -29.22
N ASN D 25 16.07 0.98 -30.41
CA ASN D 25 14.94 1.90 -30.55
C ASN D 25 13.65 1.32 -29.99
N ARG D 26 13.73 0.14 -29.35
CA ARG D 26 12.66 -0.39 -28.52
C ARG D 26 12.86 -0.12 -27.03
N SER D 27 14.03 0.37 -26.63
CA SER D 27 14.33 0.61 -25.23
C SER D 27 13.37 1.65 -24.64
N ILE D 28 12.99 1.44 -23.38
CA ILE D 28 12.25 2.46 -22.64
C ILE D 28 13.05 3.76 -22.66
N ALA D 29 14.37 3.67 -22.52
CA ALA D 29 15.20 4.86 -22.56
C ALA D 29 15.12 5.57 -23.89
N TYR D 30 14.91 4.83 -24.98
CA TYR D 30 14.76 5.48 -26.28
C TYR D 30 13.46 6.29 -26.32
N GLY D 31 12.38 5.72 -25.78
CA GLY D 31 11.12 6.47 -25.74
C GLY D 31 11.21 7.70 -24.86
N ILE D 32 11.90 7.59 -23.72
CA ILE D 32 12.09 8.75 -22.85
C ILE D 32 12.94 9.80 -23.56
N ALA D 33 14.01 9.36 -24.22
CA ALA D 33 14.88 10.28 -24.96
C ALA D 33 14.10 11.04 -26.04
N LYS D 34 13.27 10.32 -26.80
CA LYS D 34 12.47 10.97 -27.84
C LYS D 34 11.55 12.02 -27.25
N ALA D 35 10.85 11.69 -26.17
CA ALA D 35 9.95 12.68 -25.58
C ALA D 35 10.73 13.88 -25.03
N CYS D 36 11.86 13.64 -24.38
CA CYS D 36 12.66 14.75 -23.84
C CYS D 36 13.17 15.65 -24.96
N LYS D 37 13.72 15.06 -26.02
CA LYS D 37 14.18 15.86 -27.16
C LYS D 37 13.04 16.64 -27.78
N ARG D 38 11.87 16.01 -27.89
CA ARG D 38 10.71 16.68 -28.46
C ARG D 38 10.37 17.94 -27.68
N GLU D 39 10.55 17.90 -26.36
CA GLU D 39 10.19 18.99 -25.47
C GLU D 39 11.37 19.93 -25.17
N GLY D 40 12.47 19.82 -25.92
CA GLY D 40 13.50 20.84 -25.90
C GLY D 40 14.75 20.52 -25.09
N ALA D 41 14.86 19.31 -24.54
CA ALA D 41 16.03 18.99 -23.73
C ALA D 41 17.26 18.76 -24.60
N GLU D 42 18.43 18.95 -23.97
CA GLU D 42 19.73 18.54 -24.50
C GLU D 42 20.13 17.24 -23.83
N LEU D 43 20.56 16.26 -24.61
CA LEU D 43 20.73 14.91 -24.11
C LEU D 43 22.18 14.42 -24.17
N ALA D 44 22.51 13.51 -23.25
CA ALA D 44 23.76 12.77 -23.22
C ALA D 44 23.43 11.35 -22.81
N PHE D 45 24.34 10.41 -23.13
CA PHE D 45 24.06 8.98 -23.02
C PHE D 45 25.26 8.23 -22.48
N THR D 46 24.98 7.14 -21.76
CA THR D 46 26.01 6.20 -21.36
C THR D 46 25.92 4.93 -22.19
N TYR D 47 27.01 4.16 -22.18
CA TYR D 47 27.04 2.85 -22.83
C TYR D 47 27.91 1.91 -22.01
N VAL D 48 27.74 0.61 -22.25
CA VAL D 48 28.42 -0.42 -21.47
C VAL D 48 29.38 -1.14 -22.39
N GLY D 49 30.66 -0.83 -22.27
CA GLY D 49 31.66 -1.60 -22.97
C GLY D 49 32.08 -0.97 -24.28
N ASP D 50 33.36 -1.14 -24.62
CA ASP D 50 33.90 -0.51 -25.81
C ASP D 50 33.19 -0.99 -27.06
N ARG D 51 32.70 -2.24 -27.06
CA ARG D 51 32.05 -2.80 -28.24
C ARG D 51 30.77 -2.06 -28.61
N PHE D 52 30.11 -1.39 -27.65
CA PHE D 52 28.89 -0.67 -27.96
C PHE D 52 29.10 0.83 -28.17
N LYS D 53 30.35 1.30 -28.22
CA LYS D 53 30.57 2.74 -28.36
C LYS D 53 30.01 3.27 -29.68
N ASP D 54 30.26 2.57 -30.79
CA ASP D 54 29.78 3.07 -32.08
C ASP D 54 28.25 3.12 -32.11
N ARG D 55 27.59 2.11 -31.55
CA ARG D 55 26.14 2.04 -31.62
C ARG D 55 25.49 3.17 -30.82
N ILE D 56 26.01 3.47 -29.63
CA ILE D 56 25.41 4.56 -28.85
C ILE D 56 25.73 5.91 -29.49
N THR D 57 26.88 6.02 -30.16
CA THR D 57 27.20 7.27 -30.85
C THR D 57 26.22 7.51 -32.00
N GLU D 58 25.84 6.45 -32.72
CA GLU D 58 24.82 6.58 -33.76
C GLU D 58 23.47 7.01 -33.18
N PHE D 59 23.07 6.42 -32.05
CA PHE D 59 21.80 6.83 -31.43
C PHE D 59 21.87 8.28 -30.98
N ALA D 60 22.98 8.67 -30.35
CA ALA D 60 23.09 10.04 -29.87
C ALA D 60 22.97 11.03 -31.02
N ALA D 61 23.54 10.71 -32.17
CA ALA D 61 23.45 11.61 -33.31
C ALA D 61 22.00 11.80 -33.75
N GLU D 62 21.17 10.75 -33.64
CA GLU D 62 19.80 10.98 -34.05
CA GLU D 62 19.74 10.85 -33.95
C GLU D 62 19.05 11.88 -33.08
N PHE D 63 19.57 12.09 -31.87
CA PHE D 63 19.04 13.08 -30.94
C PHE D 63 19.86 14.38 -30.96
N GLY D 64 20.63 14.61 -32.02
CA GLY D 64 21.45 15.81 -32.10
C GLY D 64 22.52 15.92 -31.05
N SER D 65 23.02 14.80 -30.53
CA SER D 65 23.98 14.80 -29.44
C SER D 65 25.28 14.10 -29.86
N GLU D 66 26.40 14.63 -29.40
CA GLU D 66 27.70 13.97 -29.51
C GLU D 66 28.23 13.51 -28.16
N LEU D 67 27.42 13.58 -27.12
CA LEU D 67 27.88 13.35 -25.75
C LEU D 67 27.58 11.91 -25.34
N VAL D 68 28.58 11.03 -25.43
CA VAL D 68 28.44 9.63 -25.01
C VAL D 68 29.60 9.29 -24.08
N PHE D 69 29.32 8.46 -23.07
CA PHE D 69 30.30 8.11 -22.05
C PHE D 69 30.16 6.66 -21.63
N PRO D 70 31.28 5.99 -21.37
CA PRO D 70 31.20 4.61 -20.86
C PRO D 70 30.80 4.61 -19.40
N CYS D 71 29.88 3.71 -19.04
CA CYS D 71 29.58 3.53 -17.62
C CYS D 71 28.99 2.14 -17.38
N ASP D 72 29.87 1.20 -17.03
CA ASP D 72 29.46 -0.08 -16.46
C ASP D 72 29.25 0.12 -14.97
N VAL D 73 27.99 0.07 -14.50
CA VAL D 73 27.69 0.42 -13.11
C VAL D 73 28.18 -0.64 -12.13
N ALA D 74 28.75 -1.73 -12.64
CA ALA D 74 29.43 -2.66 -11.76
C ALA D 74 30.78 -2.14 -11.27
N ASP D 75 31.28 -1.06 -11.86
CA ASP D 75 32.66 -0.60 -11.68
C ASP D 75 32.64 0.79 -11.03
N ASP D 76 33.18 0.88 -9.82
CA ASP D 76 33.22 2.17 -9.13
C ASP D 76 33.93 3.23 -9.94
N ALA D 77 35.02 2.85 -10.61
CA ALA D 77 35.85 3.83 -11.32
C ALA D 77 35.10 4.46 -12.48
N GLN D 78 34.27 3.67 -13.18
CA GLN D 78 33.54 4.22 -14.31
C GLN D 78 32.44 5.17 -13.84
N ILE D 79 31.77 4.84 -12.73
CA ILE D 79 30.76 5.74 -12.18
C ILE D 79 31.38 7.08 -11.79
N ASP D 80 32.54 7.05 -11.12
CA ASP D 80 33.19 8.30 -10.74
C ASP D 80 33.69 9.06 -11.96
N ALA D 81 34.31 8.36 -12.91
CA ALA D 81 34.83 9.04 -14.10
C ALA D 81 33.71 9.59 -14.99
N LEU D 82 32.52 8.98 -14.94
CA LEU D 82 31.41 9.44 -15.77
C LEU D 82 31.10 10.92 -15.54
N PHE D 83 30.97 11.33 -14.28
CA PHE D 83 30.54 12.70 -14.03
C PHE D 83 31.68 13.70 -14.11
N ALA D 84 32.92 13.28 -13.87
CA ALA D 84 34.06 14.13 -14.21
C ALA D 84 34.07 14.43 -15.70
N SER D 85 33.82 13.41 -16.53
CA SER D 85 33.80 13.63 -17.98
C SER D 85 32.63 14.51 -18.40
N LEU D 86 31.45 14.27 -17.80
CA LEU D 86 30.28 15.06 -18.15
C LEU D 86 30.46 16.52 -17.75
N LYS D 87 31.11 16.77 -16.61
CA LYS D 87 31.34 18.13 -16.13
C LYS D 87 32.22 18.94 -17.09
N THR D 88 33.04 18.27 -17.90
CA THR D 88 33.81 18.97 -18.93
C THR D 88 32.91 19.67 -19.92
N HIS D 89 31.73 19.10 -20.21
CA HIS D 89 30.80 19.65 -21.19
C HIS D 89 29.68 20.46 -20.55
N TRP D 90 29.19 20.04 -19.38
CA TRP D 90 28.02 20.63 -18.74
C TRP D 90 28.39 21.11 -17.34
N ASP D 91 28.22 22.40 -17.07
CA ASP D 91 28.46 22.91 -15.72
C ASP D 91 27.51 22.26 -14.72
N SER D 92 26.28 21.97 -15.13
CA SER D 92 25.32 21.36 -14.24
C SER D 92 24.47 20.36 -15.01
N LEU D 93 23.92 19.41 -14.26
CA LEU D 93 23.08 18.33 -14.76
C LEU D 93 21.67 18.50 -14.21
N ASP D 94 20.69 18.57 -15.11
CA ASP D 94 19.30 18.77 -14.69
C ASP D 94 18.49 17.49 -14.58
N GLY D 95 18.88 16.42 -15.25
CA GLY D 95 18.09 15.20 -15.18
C GLY D 95 18.96 13.98 -15.34
N LEU D 96 18.54 12.89 -14.70
CA LEU D 96 19.23 11.61 -14.79
C LEU D 96 18.18 10.52 -14.95
N VAL D 97 18.34 9.70 -15.99
CA VAL D 97 17.40 8.61 -16.25
C VAL D 97 18.15 7.30 -16.05
N HIS D 98 17.75 6.57 -15.01
CA HIS D 98 18.31 5.26 -14.66
C HIS D 98 17.37 4.20 -15.23
N SER D 99 17.81 3.53 -16.29
CA SER D 99 17.01 2.54 -16.99
C SER D 99 17.86 1.29 -17.17
N ILE D 100 18.33 0.78 -16.03
CA ILE D 100 19.39 -0.22 -15.93
C ILE D 100 18.88 -1.35 -15.04
N GLY D 101 19.00 -2.58 -15.50
CA GLY D 101 18.53 -3.70 -14.72
C GLY D 101 19.09 -4.98 -15.26
N PHE D 102 19.48 -5.91 -14.39
CA PHE D 102 20.01 -7.19 -14.83
C PHE D 102 19.95 -8.19 -13.69
N ALA D 103 19.60 -9.43 -14.03
CA ALA D 103 19.72 -10.57 -13.15
C ALA D 103 20.08 -11.74 -14.06
N PRO D 104 20.92 -12.65 -13.60
CA PRO D 104 21.16 -13.87 -14.38
C PRO D 104 19.86 -14.55 -14.76
N ARG D 105 19.84 -15.15 -15.94
CA ARG D 105 18.59 -15.66 -16.53
C ARG D 105 17.87 -16.62 -15.60
N GLU D 106 18.60 -17.52 -14.94
CA GLU D 106 17.96 -18.52 -14.08
C GLU D 106 17.26 -17.88 -12.88
N ALA D 107 17.72 -16.71 -12.45
CA ALA D 107 17.13 -16.02 -11.30
C ALA D 107 15.83 -15.30 -11.66
N ILE D 108 15.48 -15.22 -12.95
CA ILE D 108 14.24 -14.59 -13.39
C ILE D 108 13.46 -15.52 -14.31
N ALA D 109 13.58 -16.82 -14.08
CA ALA D 109 12.77 -17.81 -14.78
C ALA D 109 12.47 -18.94 -13.81
N GLY D 110 11.34 -19.61 -14.04
CA GLY D 110 11.05 -20.79 -13.25
C GLY D 110 10.69 -20.47 -11.80
N ASP D 111 11.05 -21.40 -10.93
CA ASP D 111 10.75 -21.27 -9.51
C ASP D 111 11.74 -20.29 -8.85
N PHE D 112 11.22 -19.51 -7.89
CA PHE D 112 12.05 -18.53 -7.19
C PHE D 112 13.25 -19.17 -6.51
N LEU D 113 13.02 -20.29 -5.79
CA LEU D 113 14.13 -20.91 -5.07
C LEU D 113 15.07 -21.67 -6.01
N ASP D 114 14.55 -22.27 -7.08
CA ASP D 114 15.42 -22.94 -8.05
C ASP D 114 16.51 -22.01 -8.58
N GLY D 115 16.18 -20.73 -8.77
CA GLY D 115 17.12 -19.77 -9.31
C GLY D 115 17.86 -18.94 -8.29
N LEU D 116 17.68 -19.22 -7.01
CA LEU D 116 18.29 -18.43 -5.94
C LEU D 116 19.70 -18.96 -5.65
N THR D 117 20.69 -18.09 -5.79
CA THR D 117 22.03 -18.33 -5.28
C THR D 117 22.54 -17.02 -4.71
N ARG D 118 23.54 -17.09 -3.83
CA ARG D 118 24.07 -15.85 -3.27
C ARG D 118 24.58 -14.91 -4.35
N GLU D 119 25.28 -15.46 -5.35
CA GLU D 119 25.85 -14.62 -6.39
C GLU D 119 24.77 -14.05 -7.33
N ASN D 120 23.76 -14.85 -7.67
CA ASN D 120 22.63 -14.32 -8.44
C ASN D 120 21.97 -13.18 -7.68
N PHE D 121 21.71 -13.38 -6.39
CA PHE D 121 21.13 -12.32 -5.57
C PHE D 121 22.03 -11.08 -5.58
N ARG D 122 23.33 -11.28 -5.37
CA ARG D 122 24.24 -10.15 -5.28
C ARG D 122 24.24 -9.32 -6.56
N ILE D 123 24.34 -9.98 -7.71
CA ILE D 123 24.42 -9.28 -8.99
C ILE D 123 23.14 -8.51 -9.25
N ALA D 124 21.99 -9.17 -9.07
CA ALA D 124 20.70 -8.53 -9.29
C ALA D 124 20.57 -7.26 -8.49
N HIS D 125 20.96 -7.27 -7.21
CA HIS D 125 20.77 -6.10 -6.38
C HIS D 125 21.85 -5.05 -6.63
N ASP D 126 23.07 -5.48 -6.92
CA ASP D 126 24.16 -4.56 -7.27
C ASP D 126 23.81 -3.78 -8.53
N ILE D 127 23.44 -4.48 -9.60
CA ILE D 127 23.19 -3.81 -10.87
C ILE D 127 21.84 -3.10 -10.87
N SER D 128 20.79 -3.71 -10.32
CA SER D 128 19.45 -3.17 -10.50
C SER D 128 19.01 -2.18 -9.42
N ALA D 129 19.61 -2.23 -8.22
CA ALA D 129 19.18 -1.36 -7.12
C ALA D 129 20.31 -0.42 -6.68
N TYR D 130 21.46 -0.96 -6.29
CA TYR D 130 22.54 -0.11 -5.79
C TYR D 130 22.94 0.95 -6.79
N SER D 131 22.94 0.61 -8.08
CA SER D 131 23.47 1.53 -9.08
C SER D 131 22.72 2.85 -9.15
N PHE D 132 21.44 2.91 -8.72
CA PHE D 132 20.72 4.17 -8.84
C PHE D 132 21.19 5.18 -7.80
N PRO D 133 21.13 4.91 -6.48
CA PRO D 133 21.72 5.87 -5.54
C PRO D 133 23.21 6.06 -5.76
N ALA D 134 23.93 5.06 -6.25
CA ALA D 134 25.36 5.24 -6.55
C ALA D 134 25.56 6.34 -7.57
N LEU D 135 24.77 6.31 -8.67
CA LEU D 135 24.91 7.35 -9.68
C LEU D 135 24.50 8.70 -9.10
N ALA D 136 23.45 8.73 -8.29
CA ALA D 136 23.01 9.97 -7.66
C ALA D 136 24.10 10.60 -6.82
N LYS D 137 24.77 9.78 -6.01
CA LYS D 137 25.84 10.29 -5.16
C LYS D 137 26.97 10.87 -5.98
N ALA D 138 27.36 10.17 -7.05
CA ALA D 138 28.46 10.65 -7.87
C ALA D 138 28.06 11.87 -8.68
N ALA D 139 26.77 12.02 -8.98
CA ALA D 139 26.30 13.16 -9.75
C ALA D 139 26.11 14.40 -8.89
N LEU D 140 25.88 14.23 -7.59
CA LEU D 140 25.45 15.33 -6.74
C LEU D 140 26.30 16.60 -6.84
N PRO D 141 27.63 16.56 -6.86
CA PRO D 141 28.39 17.83 -6.95
C PRO D 141 28.02 18.70 -8.15
N MET D 142 27.48 18.14 -9.23
CA MET D 142 27.13 18.95 -10.39
C MET D 142 25.62 18.99 -10.66
N LEU D 143 24.80 18.38 -9.80
CA LEU D 143 23.36 18.47 -10.02
C LEU D 143 22.86 19.90 -9.81
N SER D 144 21.98 20.37 -10.69
CA SER D 144 21.31 21.63 -10.42
CA SER D 144 21.28 21.62 -10.44
C SER D 144 20.39 21.48 -9.20
N ASP D 145 20.11 22.61 -8.55
CA ASP D 145 19.26 22.58 -7.37
C ASP D 145 17.87 22.06 -7.70
N ASP D 146 17.45 22.19 -8.95
CA ASP D 146 16.12 21.68 -9.30
CA ASP D 146 16.21 21.86 -9.63
C ASP D 146 16.19 20.45 -10.21
N ALA D 147 17.26 19.67 -10.07
CA ALA D 147 17.41 18.46 -10.87
C ALA D 147 16.33 17.43 -10.54
N SER D 148 16.12 16.52 -11.48
CA SER D 148 15.12 15.47 -11.33
C SER D 148 15.77 14.15 -11.73
N LEU D 149 15.71 13.16 -10.81
CA LEU D 149 16.27 11.84 -11.04
C LEU D 149 15.15 10.83 -11.19
N LEU D 150 15.23 9.99 -12.22
CA LEU D 150 14.15 9.07 -12.58
C LEU D 150 14.69 7.67 -12.75
N THR D 151 14.03 6.68 -12.13
CA THR D 151 14.36 5.27 -12.36
C THR D 151 13.09 4.52 -12.79
N LEU D 152 13.28 3.29 -13.23
CA LEU D 152 12.23 2.44 -13.79
C LEU D 152 12.06 1.20 -12.93
N SER D 153 10.81 0.88 -12.60
CA SER D 153 10.56 -0.31 -11.78
C SER D 153 9.41 -1.10 -12.41
N TYR D 154 8.89 -2.07 -11.67
CA TYR D 154 7.89 -2.97 -12.22
C TYR D 154 7.05 -3.52 -11.07
N LEU D 155 5.79 -3.82 -11.38
CA LEU D 155 4.80 -4.27 -10.39
C LEU D 155 5.28 -5.45 -9.55
N GLY D 156 6.23 -6.23 -10.07
CA GLY D 156 6.75 -7.36 -9.31
C GLY D 156 7.49 -6.98 -8.04
N ALA D 157 7.81 -5.69 -7.87
CA ALA D 157 8.32 -5.22 -6.58
C ALA D 157 7.23 -5.25 -5.52
N GLU D 158 5.97 -5.00 -5.91
CA GLU D 158 4.85 -4.82 -5.00
C GLU D 158 4.12 -6.12 -4.68
N ARG D 159 3.89 -6.95 -5.70
CA ARG D 159 3.23 -8.24 -5.53
C ARG D 159 4.01 -9.30 -6.30
N ALA D 160 3.84 -10.56 -5.90
CA ALA D 160 4.57 -11.65 -6.56
C ALA D 160 4.01 -11.90 -7.96
N ILE D 161 4.89 -11.82 -8.96
CA ILE D 161 4.54 -12.08 -10.36
C ILE D 161 5.32 -13.29 -10.85
N PRO D 162 4.71 -14.18 -11.61
CA PRO D 162 5.40 -15.40 -12.07
C PRO D 162 6.70 -15.08 -12.80
N ASN D 163 7.76 -15.81 -12.40
CA ASN D 163 9.09 -15.77 -13.00
C ASN D 163 9.90 -14.51 -12.66
N TYR D 164 9.28 -13.48 -12.09
CA TYR D 164 10.04 -12.26 -11.84
C TYR D 164 11.06 -12.46 -10.71
N ASN D 165 10.67 -13.23 -9.69
CA ASN D 165 11.57 -13.83 -8.71
C ASN D 165 12.58 -12.85 -8.11
N THR D 166 13.88 -13.11 -8.27
CA THR D 166 14.89 -12.29 -7.61
C THR D 166 14.83 -10.83 -8.06
N MET D 167 14.40 -10.56 -9.29
CA MET D 167 14.27 -9.16 -9.70
CA MET D 167 14.26 -9.16 -9.71
C MET D 167 13.18 -8.44 -8.90
N GLY D 168 12.19 -9.17 -8.38
CA GLY D 168 11.19 -8.53 -7.54
C GLY D 168 11.79 -8.00 -6.27
N LEU D 169 12.75 -8.73 -5.70
CA LEU D 169 13.44 -8.27 -4.51
C LEU D 169 14.27 -7.05 -4.82
N ALA D 170 14.99 -7.08 -5.93
CA ALA D 170 15.85 -5.97 -6.30
C ALA D 170 15.03 -4.71 -6.61
N LYS D 171 13.89 -4.87 -7.27
CA LYS D 171 13.07 -3.71 -7.55
C LYS D 171 12.41 -3.15 -6.28
N ALA D 172 12.07 -4.01 -5.30
CA ALA D 172 11.60 -3.49 -4.02
C ALA D 172 12.67 -2.62 -3.36
N ALA D 173 13.93 -3.08 -3.38
CA ALA D 173 15.02 -2.27 -2.83
C ALA D 173 15.17 -0.96 -3.62
N LEU D 174 15.02 -1.04 -4.94
CA LEU D 174 15.14 0.16 -5.76
C LEU D 174 14.06 1.19 -5.39
N GLU D 175 12.81 0.74 -5.26
CA GLU D 175 11.76 1.68 -4.91
C GLU D 175 11.98 2.28 -3.52
N ALA D 176 12.53 1.49 -2.58
CA ALA D 176 12.89 2.08 -1.29
C ALA D 176 13.98 3.13 -1.46
N SER D 177 14.95 2.89 -2.36
CA SER D 177 16.01 3.86 -2.56
C SER D 177 15.47 5.18 -3.10
N VAL D 178 14.39 5.12 -3.88
CA VAL D 178 13.75 6.35 -4.36
C VAL D 178 13.35 7.22 -3.19
N ARG D 179 12.77 6.61 -2.14
CA ARG D 179 12.33 7.37 -0.99
C ARG D 179 13.51 7.90 -0.18
N TYR D 180 14.52 7.07 0.07
CA TYR D 180 15.65 7.56 0.86
C TYR D 180 16.45 8.61 0.09
N LEU D 181 16.56 8.44 -1.23
CA LEU D 181 17.21 9.47 -2.03
C LEU D 181 16.42 10.78 -2.00
N ALA D 182 15.09 10.69 -2.10
CA ALA D 182 14.26 11.89 -2.08
C ALA D 182 14.53 12.72 -0.84
N VAL D 183 14.67 12.07 0.31
CA VAL D 183 14.95 12.77 1.56
C VAL D 183 16.37 13.33 1.55
N SER D 184 17.34 12.53 1.08
CA SER D 184 18.73 12.96 1.13
C SER D 184 18.95 14.19 0.26
N LEU D 185 18.35 14.21 -0.93
CA LEU D 185 18.61 15.25 -1.92
C LEU D 185 17.56 16.36 -1.93
N GLY D 186 16.45 16.18 -1.20
CA GLY D 186 15.34 17.10 -1.32
C GLY D 186 15.58 18.50 -0.76
N ALA D 187 16.34 18.62 0.33
CA ALA D 187 16.58 19.93 0.91
C ALA D 187 17.25 20.85 -0.11
N LYS D 188 18.15 20.28 -0.91
CA LYS D 188 18.76 21.02 -2.01
C LYS D 188 17.72 21.45 -3.04
N GLY D 189 16.67 20.65 -3.20
CA GLY D 189 15.65 20.90 -4.21
C GLY D 189 15.54 19.79 -5.25
N VAL D 190 16.35 18.75 -5.15
CA VAL D 190 16.37 17.68 -6.15
C VAL D 190 15.20 16.74 -5.91
N ARG D 191 14.53 16.36 -6.99
CA ARG D 191 13.43 15.41 -6.92
C ARG D 191 13.87 14.04 -7.42
N VAL D 192 13.24 12.99 -6.87
CA VAL D 192 13.60 11.60 -7.15
C VAL D 192 12.33 10.78 -7.26
N ASN D 193 12.15 10.08 -8.39
CA ASN D 193 10.92 9.34 -8.65
C ASN D 193 11.22 8.10 -9.47
N ALA D 194 10.24 7.18 -9.49
CA ALA D 194 10.27 6.00 -10.33
C ALA D 194 9.00 5.93 -11.17
N ILE D 195 9.11 5.35 -12.35
CA ILE D 195 7.94 4.89 -13.09
C ILE D 195 7.89 3.39 -12.97
N SER D 196 6.77 2.85 -12.47
CA SER D 196 6.50 1.42 -12.53
C SER D 196 5.80 1.17 -13.86
N ALA D 197 6.56 0.77 -14.88
CA ALA D 197 6.02 0.57 -16.21
C ALA D 197 5.41 -0.82 -16.37
N GLY D 198 4.36 -0.90 -17.20
CA GLY D 198 3.84 -2.19 -17.59
C GLY D 198 4.77 -2.86 -18.58
N PRO D 199 4.53 -4.14 -18.88
CA PRO D 199 5.38 -4.84 -19.85
C PRO D 199 5.23 -4.26 -21.24
N ILE D 200 6.33 -4.25 -21.99
CA ILE D 200 6.40 -3.64 -23.32
C ILE D 200 6.51 -4.74 -24.37
N LYS D 201 5.54 -4.79 -25.29
CA LYS D 201 5.56 -5.79 -26.36
C LYS D 201 6.76 -5.54 -27.27
N THR D 202 7.64 -6.53 -27.39
CA THR D 202 8.89 -6.40 -28.13
C THR D 202 9.23 -7.67 -28.91
N ILE D 208 9.71 -14.74 -25.51
CA ILE D 208 9.45 -15.75 -24.49
C ILE D 208 7.97 -16.12 -24.46
N LYS D 209 7.68 -17.40 -24.20
CA LYS D 209 6.29 -17.84 -24.09
C LYS D 209 5.64 -17.27 -22.85
N SER D 210 6.35 -17.27 -21.71
CA SER D 210 5.77 -16.73 -20.49
C SER D 210 5.52 -15.24 -20.62
N PHE D 211 6.42 -14.52 -21.28
CA PHE D 211 6.26 -13.08 -21.45
C PHE D 211 5.05 -12.75 -22.31
N GLY D 212 4.83 -13.54 -23.38
CA GLY D 212 3.63 -13.38 -24.18
C GLY D 212 2.36 -13.64 -23.39
N LYS D 213 2.40 -14.64 -22.50
CA LYS D 213 1.25 -14.88 -21.64
C LYS D 213 0.94 -13.66 -20.78
N ILE D 214 1.98 -13.00 -20.26
CA ILE D 214 1.79 -11.81 -19.44
C ILE D 214 1.22 -10.67 -20.27
N LEU D 215 1.78 -10.45 -21.47
CA LEU D 215 1.28 -9.39 -22.34
C LEU D 215 -0.19 -9.60 -22.69
N ASP D 216 -0.55 -10.84 -23.06
CA ASP D 216 -1.95 -11.14 -23.34
C ASP D 216 -2.83 -10.86 -22.13
N PHE D 217 -2.38 -11.28 -20.93
CA PHE D 217 -3.20 -11.10 -19.74
C PHE D 217 -3.41 -9.62 -19.46
N VAL D 218 -2.35 -8.81 -19.60
CA VAL D 218 -2.48 -7.38 -19.36
C VAL D 218 -3.43 -6.73 -20.36
N GLU D 219 -3.32 -7.10 -21.64
CA GLU D 219 -4.20 -6.55 -22.65
C GLU D 219 -5.65 -6.93 -22.39
N SER D 220 -5.88 -8.15 -21.89
CA SER D 220 -7.25 -8.57 -21.62
C SER D 220 -7.82 -7.95 -20.34
N ASN D 221 -6.97 -7.71 -19.33
CA ASN D 221 -7.46 -7.41 -17.99
C ASN D 221 -7.19 -6.00 -17.49
N SER D 222 -6.29 -5.25 -18.11
CA SER D 222 -6.05 -3.88 -17.68
C SER D 222 -7.29 -3.03 -17.95
N PRO D 223 -7.53 -1.99 -17.15
CA PRO D 223 -8.68 -1.10 -17.42
C PRO D 223 -8.75 -0.57 -18.84
N LEU D 224 -7.62 -0.18 -19.43
CA LEU D 224 -7.63 0.39 -20.77
C LEU D 224 -7.57 -0.69 -21.86
N LYS D 225 -7.45 -1.96 -21.45
CA LYS D 225 -7.50 -3.09 -22.38
C LYS D 225 -6.40 -3.00 -23.44
N ARG D 226 -5.19 -2.62 -23.02
CA ARG D 226 -4.08 -2.45 -23.96
C ARG D 226 -2.78 -2.40 -23.20
N ASN D 227 -1.71 -2.90 -23.81
CA ASN D 227 -0.41 -2.73 -23.17
C ASN D 227 0.11 -1.32 -23.41
N VAL D 228 1.01 -0.87 -22.53
CA VAL D 228 1.61 0.45 -22.72
C VAL D 228 2.70 0.39 -23.79
N THR D 229 3.03 1.56 -24.33
CA THR D 229 4.07 1.74 -25.32
C THR D 229 5.22 2.52 -24.70
N ILE D 230 6.40 2.46 -25.33
CA ILE D 230 7.50 3.30 -24.85
C ILE D 230 7.19 4.78 -25.05
N GLU D 231 6.27 5.10 -25.96
CA GLU D 231 5.85 6.49 -26.12
CA GLU D 231 5.84 6.49 -26.12
C GLU D 231 5.10 6.97 -24.89
N GLN D 232 4.25 6.12 -24.31
CA GLN D 232 3.49 6.51 -23.12
C GLN D 232 4.37 6.55 -21.89
N VAL D 233 5.29 5.59 -21.76
CA VAL D 233 6.26 5.66 -20.67
C VAL D 233 7.17 6.86 -20.86
N GLY D 234 7.54 7.14 -22.12
CA GLY D 234 8.42 8.27 -22.38
C GLY D 234 7.80 9.59 -21.98
N ASN D 235 6.53 9.80 -22.31
CA ASN D 235 5.87 11.06 -21.94
C ASN D 235 5.75 11.19 -20.43
N ALA D 236 5.42 10.11 -19.72
CA ALA D 236 5.36 10.21 -18.26
C ALA D 236 6.74 10.54 -17.69
N GLY D 237 7.78 9.96 -18.27
CA GLY D 237 9.14 10.27 -17.83
C GLY D 237 9.52 11.72 -18.09
N ALA D 238 9.25 12.22 -19.29
CA ALA D 238 9.50 13.62 -19.59
C ALA D 238 8.79 14.52 -18.58
N PHE D 239 7.53 14.22 -18.28
CA PHE D 239 6.79 14.98 -17.28
C PHE D 239 7.54 15.01 -15.93
N LEU D 240 7.90 13.84 -15.41
CA LEU D 240 8.56 13.79 -14.10
C LEU D 240 9.91 14.51 -14.12
N LEU D 241 10.61 14.49 -15.25
CA LEU D 241 11.88 15.20 -15.35
C LEU D 241 11.73 16.71 -15.46
N SER D 242 10.51 17.23 -15.58
CA SER D 242 10.28 18.63 -15.91
C SER D 242 9.74 19.41 -14.72
N ASP D 243 9.76 20.74 -14.85
CA ASP D 243 9.20 21.62 -13.84
C ASP D 243 7.69 21.46 -13.68
N LEU D 244 7.01 20.85 -14.65
CA LEU D 244 5.59 20.54 -14.49
C LEU D 244 5.37 19.64 -13.28
N ALA D 245 6.37 18.85 -12.91
CA ALA D 245 6.31 17.90 -11.81
C ALA D 245 7.07 18.40 -10.58
N SER D 246 7.23 19.71 -10.43
CA SER D 246 8.06 20.23 -9.35
C SER D 246 7.47 19.97 -7.96
N GLY D 247 6.18 19.64 -7.88
CA GLY D 247 5.64 19.20 -6.60
C GLY D 247 5.73 17.71 -6.32
N VAL D 248 6.35 16.93 -7.22
CA VAL D 248 6.31 15.47 -7.16
C VAL D 248 7.71 14.94 -6.87
N THR D 249 7.85 14.22 -5.76
CA THR D 249 9.09 13.52 -5.44
C THR D 249 8.74 12.33 -4.55
N ALA D 250 9.65 11.35 -4.53
CA ALA D 250 9.52 10.09 -3.77
C ALA D 250 8.35 9.23 -4.24
N GLU D 251 7.91 9.43 -5.48
CA GLU D 251 6.72 8.82 -6.04
C GLU D 251 7.11 7.64 -6.92
N VAL D 252 6.32 6.58 -6.86
CA VAL D 252 6.39 5.47 -7.81
C VAL D 252 5.12 5.55 -8.64
N MET D 253 5.22 6.06 -9.86
CA MET D 253 4.06 6.34 -10.70
C MET D 253 3.83 5.16 -11.63
N HIS D 254 2.64 4.57 -11.59
CA HIS D 254 2.33 3.45 -12.48
C HIS D 254 1.97 3.97 -13.86
N VAL D 255 2.66 3.46 -14.88
CA VAL D 255 2.33 3.74 -16.27
C VAL D 255 2.10 2.37 -16.92
N ASP D 256 0.88 1.87 -16.79
CA ASP D 256 0.64 0.44 -17.01
C ASP D 256 -0.80 0.17 -17.44
N SER D 257 -1.48 1.16 -18.02
CA SER D 257 -2.88 1.05 -18.44
C SER D 257 -3.79 0.72 -17.28
N GLY D 258 -3.34 0.98 -16.05
CA GLY D 258 -4.13 0.71 -14.86
C GLY D 258 -4.04 -0.70 -14.32
N PHE D 259 -3.19 -1.55 -14.89
CA PHE D 259 -3.21 -2.97 -14.53
C PHE D 259 -2.97 -3.19 -13.04
N ASN D 260 -2.08 -2.40 -12.44
CA ASN D 260 -1.73 -2.61 -11.04
C ASN D 260 -2.95 -2.52 -10.13
N ALA D 261 -3.98 -1.79 -10.55
CA ALA D 261 -5.09 -1.44 -9.66
C ALA D 261 -6.24 -2.44 -9.69
N VAL D 262 -6.11 -3.57 -10.40
CA VAL D 262 -7.20 -4.52 -10.56
C VAL D 262 -6.77 -5.92 -10.11
N VAL D 263 -7.77 -6.77 -9.89
CA VAL D 263 -7.59 -8.21 -9.75
C VAL D 263 -8.15 -8.84 -11.03
N GLY D 264 -7.29 -9.15 -11.98
CA GLY D 264 -7.76 -9.67 -13.25
C GLY D 264 -7.95 -11.17 -13.27
N GLY D 265 -8.63 -11.64 -14.32
CA GLY D 265 -8.71 -13.05 -14.63
C GLY D 265 -9.85 -13.82 -14.00
N MET D 266 -10.65 -13.20 -13.15
CA MET D 266 -11.67 -13.93 -12.40
C MET D 266 -13.05 -13.90 -13.05
N ALA D 267 -13.20 -13.26 -14.20
CA ALA D 267 -14.46 -13.32 -14.94
C ALA D 267 -14.63 -14.71 -15.54
C1 EDO E . -15.84 -26.60 7.39
O1 EDO E . -15.10 -25.38 7.48
C2 EDO E . -16.93 -26.64 8.46
O2 EDO E . -16.36 -26.93 9.75
C1 EDO F . -31.94 -10.48 28.12
O1 EDO F . -31.77 -11.71 28.85
C2 EDO F . -31.01 -10.50 26.92
O2 EDO F . -31.25 -11.68 26.15
PA NAD G . -22.65 -11.69 4.50
O1A NAD G . -21.85 -10.63 3.85
O2A NAD G . -23.78 -12.15 3.60
O5B NAD G . -23.27 -11.19 5.93
C5B NAD G . -23.61 -9.82 6.15
C4B NAD G . -24.17 -9.71 7.53
O4B NAD G . -24.67 -8.38 7.75
C3B NAD G . -25.34 -10.67 7.86
O3B NAD G . -25.03 -11.48 8.98
C2B NAD G . -26.53 -9.74 8.10
O2B NAD G . -27.39 -10.20 9.13
C1B NAD G . -25.84 -8.46 8.54
N9A NAD G . -26.63 -7.25 8.33
C8A NAD G . -27.13 -6.77 7.15
N7A NAD G . -27.86 -5.70 7.27
C5A NAD G . -27.83 -5.44 8.64
C6A NAD G . -28.42 -4.43 9.42
N6A NAD G . -29.19 -3.45 8.92
N1A NAD G . -28.18 -4.44 10.74
C2A NAD G . -27.41 -5.41 11.25
N3A NAD G . -26.81 -6.42 10.62
C4A NAD G . -27.07 -6.38 9.30
O3 NAD G . -21.73 -12.94 4.88
PN NAD G . -20.55 -13.16 5.92
O1N NAD G . -19.51 -14.03 5.31
O2N NAD G . -21.12 -13.54 7.23
O5D NAD G . -19.99 -11.68 6.02
C5D NAD G . -19.66 -11.09 7.30
C4D NAD G . -18.71 -9.94 7.06
O4D NAD G . -17.50 -10.44 6.46
C3D NAD G . -19.26 -8.86 6.12
O3D NAD G . -18.86 -7.58 6.58
C2D NAD G . -18.59 -9.21 4.78
O2D NAD G . -18.49 -8.08 3.93
C1D NAD G . -17.24 -9.71 5.28
N1N NAD G . -16.47 -10.63 4.29
C2N NAD G . -17.14 -11.72 3.87
C3N NAD G . -16.53 -12.61 3.00
C7N NAD G . -17.27 -13.84 2.57
O7N NAD G . -16.74 -14.60 1.74
N7N NAD G . -18.47 -14.05 3.06
C4N NAD G . -15.23 -12.34 2.58
C5N NAD G . -14.57 -11.22 3.04
C6N NAD G . -15.21 -10.37 3.92
C1 EDO H . -24.08 1.97 29.14
O1 EDO H . -25.32 2.68 29.17
C2 EDO H . -23.34 2.26 27.83
O2 EDO H . -23.24 3.68 27.66
C1 EDO I . -31.64 12.55 -3.88
O1 EDO I . -31.14 11.59 -4.82
C2 EDO I . -31.03 13.93 -4.12
O2 EDO I . -31.23 14.33 -5.48
PA NAD J . -11.86 23.09 -0.39
O1A NAD J . -11.54 21.76 0.19
O2A NAD J . -12.38 24.03 0.70
O5B NAD J . -12.94 23.04 -1.59
C5B NAD J . -14.13 22.22 -1.59
C4B NAD J . -14.92 22.61 -2.82
O4B NAD J . -16.13 21.85 -2.89
C3B NAD J . -15.31 24.09 -2.90
O3B NAD J . -14.77 24.69 -4.07
C2B NAD J . -16.85 24.07 -2.90
O2B NAD J . -17.41 25.07 -3.75
C1B NAD J . -17.14 22.67 -3.45
N9A NAD J . -18.44 22.15 -3.04
C8A NAD J . -18.85 21.91 -1.75
N7A NAD J . -20.07 21.46 -1.65
C5A NAD J . -20.50 21.39 -2.97
C6A NAD J . -21.72 20.98 -3.56
N6A NAD J . -22.78 20.58 -2.85
N1A NAD J . -21.81 21.01 -4.90
C2A NAD J . -20.76 21.42 -5.61
N3A NAD J . -19.56 21.85 -5.17
C4A NAD J . -19.50 21.80 -3.84
O3 NAD J . -10.56 23.74 -1.04
PN NAD J . -9.57 23.32 -2.21
O1N NAD J . -8.19 23.44 -1.72
O2N NAD J . -9.93 24.01 -3.47
O5D NAD J . -9.92 21.76 -2.36
C5D NAD J . -10.40 21.21 -3.60
C4D NAD J . -10.40 19.70 -3.52
O4D NAD J . -9.07 19.24 -3.21
C3D NAD J . -11.31 19.10 -2.45
O3D NAD J . -11.81 17.84 -2.87
C2D NAD J . -10.34 18.92 -1.27
O2D NAD J . -10.80 17.93 -0.36
C1D NAD J . -9.08 18.50 -2.02
N1N NAD J . -7.77 18.74 -1.27
C2N NAD J . -7.58 19.94 -0.70
C3N NAD J . -6.42 20.21 0.01
C7N NAD J . -6.17 21.55 0.65
O7N NAD J . -5.20 21.69 1.39
N7N NAD J . -7.06 22.51 0.42
C4N NAD J . -5.46 19.20 0.11
C5N NAD J . -5.68 17.97 -0.49
C6N NAD J . -6.84 17.76 -1.19
C1 EDO K . -6.83 18.90 3.28
O1 EDO K . -7.96 19.41 2.56
C2 EDO K . -6.67 19.64 4.59
O2 EDO K . -7.82 19.43 5.42
C1 EDO L . 30.00 -17.47 -0.92
O1 EDO L . 28.78 -17.85 -1.57
C2 EDO L . 29.87 -17.61 0.60
O2 EDO L . 29.64 -18.98 0.97
PA NAD M . 19.21 -6.95 16.39
O1A NAD M . 18.83 -5.84 15.48
O2A NAD M . 20.57 -6.65 17.00
O5B NAD M . 19.29 -8.39 15.64
C5B NAD M . 20.35 -8.76 14.73
C4B NAD M . 20.59 -10.24 14.85
O4B NAD M . 21.28 -10.72 13.67
C3B NAD M . 21.44 -10.67 16.05
O3B NAD M . 20.76 -11.64 16.84
C2B NAD M . 22.73 -11.23 15.43
O2B NAD M . 23.23 -12.35 16.14
C1B NAD M . 22.23 -11.68 14.06
N9A NAD M . 23.28 -11.72 13.04
C8A NAD M . 24.03 -10.67 12.59
N7A NAD M . 24.92 -10.99 11.67
C5A NAD M . 24.74 -12.35 11.51
C6A NAD M . 25.36 -13.30 10.68
N6A NAD M . 26.37 -13.02 9.84
N1A NAD M . 24.92 -14.58 10.74
C2A NAD M . 23.94 -14.88 11.59
N3A NAD M . 23.28 -14.08 12.42
C4A NAD M . 23.73 -12.82 12.34
O3 NAD M . 18.16 -7.04 17.58
PN NAD M . 16.68 -7.64 17.73
O1N NAD M . 15.83 -6.69 18.49
O2N NAD M . 16.76 -9.05 18.18
O5D NAD M . 16.20 -7.64 16.20
C5D NAD M . 16.07 -8.91 15.52
C4D NAD M . 15.44 -8.71 14.17
O4D NAD M . 14.26 -7.88 14.28
C3D NAD M . 16.31 -8.04 13.11
O3D NAD M . 16.01 -8.60 11.84
C2D NAD M . 15.87 -6.58 13.19
O2D NAD M . 16.14 -5.86 11.99
C1D NAD M . 14.36 -6.78 13.43
N1N NAD M . 13.65 -5.59 14.06
C2N NAD M . 14.15 -5.13 15.22
C3N NAD M . 13.58 -4.04 15.85
C7N NAD M . 14.10 -3.55 17.17
O7N NAD M . 13.67 -2.49 17.63
N7N NAD M . 15.04 -4.27 17.76
C4N NAD M . 12.48 -3.43 15.25
C5N NAD M . 11.96 -3.94 14.07
C6N NAD M . 12.57 -5.03 13.48
C1 EDO N . 34.00 -2.67 -6.31
O1 EDO N . 33.31 -1.64 -5.56
C2 EDO N . 33.65 -2.59 -7.79
O2 EDO N . 34.05 -1.33 -8.33
PA NAD O . 15.95 -4.19 -20.13
O1A NAD O . 15.36 -4.38 -18.78
O2A NAD O . 16.29 -5.55 -20.73
O5B NAD O . 17.28 -3.27 -20.17
C5B NAD O . 18.27 -3.27 -19.12
C4B NAD O . 19.24 -2.14 -19.38
O4B NAD O . 20.26 -2.13 -18.37
C3B NAD O . 19.96 -2.19 -20.73
O3B NAD O . 19.94 -0.94 -21.39
C2B NAD O . 21.39 -2.61 -20.36
O2B NAD O . 22.37 -2.08 -21.23
C1B NAD O . 21.52 -1.99 -18.97
N9A NAD O . 22.53 -2.64 -18.14
C8A NAD O . 22.61 -3.97 -17.83
N7A NAD O . 23.67 -4.29 -17.13
C5A NAD O . 24.35 -3.09 -16.97
C6A NAD O . 25.55 -2.74 -16.33
N6A NAD O . 26.35 -3.63 -15.73
N1A NAD O . 25.92 -1.44 -16.33
C2A NAD O . 25.13 -0.55 -16.94
N3A NAD O . 23.98 -0.76 -17.60
C4A NAD O . 23.65 -2.05 -17.58
O3 NAD O . 14.92 -3.44 -21.08
PN NAD O . 14.05 -2.11 -20.91
O1N NAD O . 12.63 -2.43 -21.20
O2N NAD O . 14.68 -1.00 -21.65
O5D NAD O . 14.20 -1.84 -19.35
C5D NAD O . 14.59 -0.54 -18.85
C4D NAD O . 14.29 -0.47 -17.38
O4D NAD O . 12.86 -0.49 -17.17
C3D NAD O . 14.85 -1.62 -16.53
O3D NAD O . 15.19 -1.15 -15.25
C2D NAD O . 13.66 -2.59 -16.48
O2D NAD O . 13.76 -3.49 -15.39
C1D NAD O . 12.51 -1.58 -16.36
N1N NAD O . 11.13 -2.11 -16.81
C2N NAD O . 11.07 -2.69 -18.02
C3N NAD O . 9.85 -3.17 -18.49
C7N NAD O . 9.74 -3.75 -19.87
O7N NAD O . 8.68 -4.30 -20.22
N7N NAD O . 10.80 -3.69 -20.67
C4N NAD O . 8.73 -3.04 -17.69
C5N NAD O . 8.82 -2.43 -16.46
C6N NAD O . 10.05 -1.96 -16.03
C1 EDO P . 1.03 -6.98 -1.43
O1 EDO P . -0.23 -6.31 -1.51
C2 EDO P . 1.55 -6.97 0.00
O2 EDO P . 1.67 -5.61 0.46
C1 EDO Q . -3.22 0.06 -6.50
O1 EDO Q . -2.73 -1.12 -5.85
C2 EDO Q . -4.17 0.84 -5.59
O2 EDO Q . -3.44 1.45 -4.52
#